data_6VYD
#
_entry.id   6VYD
#
_cell.length_a   48.599
_cell.length_b   87.260
_cell.length_c   163.209
_cell.angle_alpha   90.000
_cell.angle_beta   90.000
_cell.angle_gamma   90.000
#
_symmetry.space_group_name_H-M   'P 21 21 21'
#
loop_
_entity.id
_entity.type
_entity.pdbx_description
1 polymer 'Terpenoid cyclase FgGS'
2 non-polymer 'MAGNESIUM ION'
3 non-polymer 'SULFATE ION'
4 non-polymer 'SODIUM ION'
5 non-polymer 'PYROPHOSPHATE 2-'
6 non-polymer N-benzyl-N,N-diethylethanaminium
7 non-polymer 1,2-ETHANEDIOL
8 non-polymer 'CHLORIDE ION'
9 water water
#
_entity_poly.entity_id   1
_entity_poly.type   'polypeptide(L)'
_entity_poly.pdbx_seq_one_letter_code
;MDPYSETSDLVDISRFDTHGLGANYKLRRHKFEHLADTGCHKARSDWVKYIGPLTEFGGCNHINGNFSAVVLPLCRPDRL
ELIAYVLEFAFLHDSVLESENTSPESEVQAEAGLRLLYERCISRLLQTDEVCAKKIAKTWKDAINTTTKDKNVDFQSIED
YLEFRMIDTGAPFVEALMLFGLGMSLSPQEDDALGHVIRPCFAALALTNDYFSFDREIEEVDTSTLINSVAIVMRIQSLD
IPTAKTIINETIQKYEREFLRRIDEYKQHKGPISNKIEQYMEAMTYQISGNLVWSLNCPRYNPDYRYGLEACQHEG
;
_entity_poly.pdbx_strand_id   A,B
#
loop_
_chem_comp.id
_chem_comp.type
_chem_comp.name
_chem_comp.formula
BTM non-polymer N-benzyl-N,N-diethylethanaminium 'C13 H22 N 1'
CL non-polymer 'CHLORIDE ION' 'Cl -1'
EDO non-polymer 1,2-ETHANEDIOL 'C2 H6 O2'
MG non-polymer 'MAGNESIUM ION' 'Mg 2'
NA non-polymer 'SODIUM ION' 'Na 1'
POP non-polymer 'PYROPHOSPHATE 2-' 'H2 O7 P2 -2'
SO4 non-polymer 'SULFATE ION' 'O4 S -2'
#
# COMPACT_ATOMS: atom_id res chain seq x y z
N SER A 5 -2.99 -4.64 25.08
CA SER A 5 -2.23 -4.68 23.83
C SER A 5 -2.54 -5.92 22.98
N GLU A 6 -3.83 -6.23 22.85
CA GLU A 6 -4.27 -7.43 22.13
C GLU A 6 -4.68 -7.13 20.70
N THR A 7 -5.66 -6.24 20.48
CA THR A 7 -6.03 -5.98 19.10
C THR A 7 -5.00 -5.12 18.34
N SER A 8 -4.04 -4.48 19.02
CA SER A 8 -3.30 -3.38 18.39
C SER A 8 -1.95 -3.20 19.06
N ASP A 9 -1.10 -2.41 18.43
CA ASP A 9 0.21 -2.07 18.98
C ASP A 9 0.28 -0.60 19.32
N LEU A 10 0.96 -0.31 20.40
CA LEU A 10 1.24 1.08 20.78
C LEU A 10 2.31 1.60 19.82
N VAL A 11 2.10 2.80 19.28
CA VAL A 11 3.02 3.45 18.35
C VAL A 11 3.43 4.77 19.01
N ASP A 12 4.71 5.08 18.94
CA ASP A 12 5.23 6.32 19.54
C ASP A 12 4.83 7.50 18.67
N ILE A 13 3.84 8.27 19.13
CA ILE A 13 3.32 9.39 18.36
C ILE A 13 4.38 10.46 18.12
N SER A 14 5.44 10.47 18.91
CA SER A 14 6.49 11.48 18.76
C SER A 14 7.39 11.23 17.56
N ARG A 15 7.27 10.07 16.92
CA ARG A 15 7.96 9.82 15.66
C ARG A 15 7.32 10.57 14.48
N PHE A 16 6.15 11.17 14.67
CA PHE A 16 5.47 11.89 13.61
C PHE A 16 5.54 13.38 13.87
N ASP A 17 5.60 14.17 12.79
CA ASP A 17 5.50 15.63 12.92
C ASP A 17 4.02 15.98 12.99
N THR A 18 3.52 16.20 14.20
CA THR A 18 2.10 16.48 14.35
C THR A 18 1.83 17.96 14.57
N HIS A 19 2.81 18.82 14.32
CA HIS A 19 2.58 20.27 14.42
C HIS A 19 2.11 20.72 15.79
N GLY A 20 2.58 20.04 16.85
CA GLY A 20 2.18 20.39 18.20
C GLY A 20 0.85 19.82 18.63
N LEU A 21 0.18 19.07 17.76
CA LEU A 21 -1.10 18.47 18.09
C LEU A 21 -0.90 17.09 18.73
N GLY A 22 -1.95 16.63 19.38
CA GLY A 22 -1.93 15.31 19.96
C GLY A 22 -1.18 15.12 21.27
N ALA A 23 -0.74 16.18 21.99
CA ALA A 23 0.04 16.01 23.21
C ALA A 23 -0.79 15.24 24.25
N ASN A 24 -0.15 14.25 24.85
CA ASN A 24 -0.75 13.42 25.89
C ASN A 24 -1.83 12.48 25.37
N TYR A 25 -1.87 12.24 24.06
CA TYR A 25 -2.75 11.23 23.46
C TYR A 25 -1.87 10.10 22.96
N LYS A 26 -2.18 8.88 23.36
CA LYS A 26 -1.43 7.73 22.89
C LYS A 26 -1.99 7.28 21.55
N LEU A 27 -1.11 6.75 20.69
CA LEU A 27 -1.46 6.26 19.37
C LEU A 27 -1.35 4.73 19.33
N ARG A 28 -2.39 4.06 18.78
CA ARG A 28 -2.35 2.62 18.54
CA ARG A 28 -2.36 2.63 18.55
C ARG A 28 -2.73 2.33 17.11
N ARG A 29 -2.21 1.21 16.60
CA ARG A 29 -2.46 0.79 15.23
C ARG A 29 -2.92 -0.67 15.26
N HIS A 30 -4.10 -0.94 14.68
CA HIS A 30 -4.70 -2.28 14.74
C HIS A 30 -3.81 -3.32 14.08
N LYS A 31 -3.67 -4.49 14.73
CA LYS A 31 -2.84 -5.55 14.15
C LYS A 31 -3.51 -6.19 12.96
N PHE A 32 -4.83 -6.07 12.84
CA PHE A 32 -5.59 -6.66 11.74
C PHE A 32 -5.91 -5.64 10.65
N GLU A 33 -5.00 -4.68 10.47
CA GLU A 33 -5.17 -3.62 9.47
C GLU A 33 -5.54 -4.18 8.09
N HIS A 34 -5.04 -5.36 7.75
CA HIS A 34 -5.38 -5.96 6.46
C HIS A 34 -6.89 -6.08 6.27
N LEU A 35 -7.63 -6.36 7.36
CA LEU A 35 -9.08 -6.44 7.27
C LEU A 35 -9.69 -5.08 6.93
N ALA A 36 -9.12 -4.01 7.50
CA ALA A 36 -9.59 -2.67 7.15
C ALA A 36 -9.31 -2.35 5.69
N ASP A 37 -8.12 -2.72 5.21
CA ASP A 37 -7.81 -2.48 3.81
C ASP A 37 -8.76 -3.28 2.92
N THR A 38 -9.12 -4.49 3.35
CA THR A 38 -10.07 -5.30 2.59
C THR A 38 -11.43 -4.63 2.53
N GLY A 39 -11.92 -4.13 3.69
CA GLY A 39 -13.20 -3.43 3.67
C GLY A 39 -13.18 -2.23 2.73
N CYS A 40 -12.07 -1.46 2.75
CA CYS A 40 -11.97 -0.31 1.86
CA CYS A 40 -11.87 -0.31 1.87
C CYS A 40 -11.98 -0.75 0.41
N HIS A 41 -11.24 -1.78 0.06
CA HIS A 41 -11.24 -2.26 -1.32
C HIS A 41 -12.61 -2.71 -1.77
N LYS A 42 -13.32 -3.49 -0.93
CA LYS A 42 -14.62 -3.99 -1.35
C LYS A 42 -15.63 -2.83 -1.51
N ALA A 43 -15.56 -1.84 -0.64
CA ALA A 43 -16.48 -0.72 -0.75
C ALA A 43 -16.20 0.08 -2.01
N ARG A 44 -14.92 0.24 -2.35
CA ARG A 44 -14.56 0.94 -3.58
C ARG A 44 -14.99 0.14 -4.82
N SER A 45 -14.85 -1.18 -4.78
CA SER A 45 -15.31 -1.99 -5.89
CA SER A 45 -15.31 -2.00 -5.89
C SER A 45 -16.82 -1.90 -6.05
N ASP A 46 -17.55 -1.93 -4.92
CA ASP A 46 -19.00 -1.78 -4.97
C ASP A 46 -19.41 -0.41 -5.46
N TRP A 47 -18.65 0.64 -5.11
CA TRP A 47 -18.97 1.97 -5.64
C TRP A 47 -18.85 1.98 -7.16
N VAL A 48 -17.78 1.39 -7.69
CA VAL A 48 -17.63 1.37 -9.14
C VAL A 48 -18.74 0.54 -9.78
N LYS A 49 -19.10 -0.59 -9.14
CA LYS A 49 -20.13 -1.48 -9.68
C LYS A 49 -21.49 -0.81 -9.75
N TYR A 50 -21.88 -0.08 -8.71
CA TYR A 50 -23.24 0.41 -8.63
C TYR A 50 -23.40 1.90 -8.88
N ILE A 51 -22.31 2.69 -8.78
CA ILE A 51 -22.45 4.15 -8.84
C ILE A 51 -21.69 4.78 -9.99
N GLY A 52 -20.36 4.65 -10.00
CA GLY A 52 -19.57 5.25 -11.04
C GLY A 52 -18.09 5.20 -10.74
N PRO A 53 -17.29 5.79 -11.63
CA PRO A 53 -15.82 5.79 -11.45
C PRO A 53 -15.43 6.47 -10.15
N LEU A 54 -14.36 5.97 -9.54
CA LEU A 54 -13.82 6.54 -8.32
C LEU A 54 -13.02 7.79 -8.66
N THR A 55 -13.16 8.83 -7.84
CA THR A 55 -12.46 10.08 -8.08
C THR A 55 -11.41 10.41 -7.02
N GLU A 56 -11.38 9.70 -5.91
CA GLU A 56 -10.54 10.13 -4.80
C GLU A 56 -10.32 8.96 -3.87
N PHE A 57 -9.33 9.13 -3.02
CA PHE A 57 -9.08 8.23 -1.90
C PHE A 57 -10.07 8.49 -0.78
N GLY A 58 -10.36 7.42 -0.04
CA GLY A 58 -11.13 7.47 1.20
C GLY A 58 -10.24 7.26 2.40
N GLY A 59 -10.38 6.12 3.09
CA GLY A 59 -9.66 5.94 4.32
C GLY A 59 -8.33 5.23 4.21
N CYS A 60 -7.95 4.73 3.04
CA CYS A 60 -6.71 3.97 2.92
CA CYS A 60 -6.72 3.96 2.96
C CYS A 60 -5.51 4.87 3.20
N ASN A 61 -4.49 4.32 3.87
CA ASN A 61 -3.22 5.04 4.12
C ASN A 61 -2.22 3.96 4.52
N HIS A 62 -1.49 3.42 3.54
CA HIS A 62 -0.64 2.29 3.90
CA HIS A 62 -0.65 2.29 3.87
C HIS A 62 0.60 2.72 4.66
N ILE A 63 0.95 4.00 4.63
CA ILE A 63 2.16 4.45 5.33
C ILE A 63 1.91 4.65 6.83
N ASN A 64 0.95 5.51 7.19
CA ASN A 64 0.66 5.79 8.60
C ASN A 64 -0.45 4.93 9.18
N GLY A 65 -1.22 4.22 8.35
CA GLY A 65 -2.24 3.32 8.84
C GLY A 65 -3.60 3.65 8.26
N ASN A 66 -4.34 2.61 7.87
CA ASN A 66 -5.70 2.78 7.40
C ASN A 66 -6.49 3.56 8.46
N PHE A 67 -7.33 4.50 8.02
CA PHE A 67 -8.08 5.33 8.96
C PHE A 67 -8.71 4.52 10.09
N SER A 68 -9.45 3.46 9.74
CA SER A 68 -10.11 2.67 10.78
C SER A 68 -9.10 1.99 11.70
N ALA A 69 -7.95 1.59 11.16
CA ALA A 69 -6.98 0.87 11.98
C ALA A 69 -6.31 1.76 13.04
N VAL A 70 -6.21 3.06 12.81
CA VAL A 70 -5.60 3.95 13.80
C VAL A 70 -6.64 4.76 14.57
N VAL A 71 -7.79 5.06 13.93
CA VAL A 71 -8.86 5.78 14.66
C VAL A 71 -9.63 4.86 15.59
N LEU A 72 -9.72 3.55 15.25
CA LEU A 72 -10.56 2.58 15.99
C LEU A 72 -9.71 1.35 16.30
N PRO A 73 -8.57 1.54 16.98
CA PRO A 73 -7.62 0.43 17.14
C PRO A 73 -8.07 -0.63 18.12
N LEU A 74 -9.13 -0.39 18.89
CA LEU A 74 -9.65 -1.39 19.81
C LEU A 74 -10.77 -2.25 19.23
N CYS A 75 -11.07 -2.09 17.95
CA CYS A 75 -12.15 -2.86 17.32
CA CYS A 75 -12.14 -2.85 17.32
C CYS A 75 -11.90 -4.34 17.47
N ARG A 76 -12.98 -5.10 17.75
CA ARG A 76 -12.90 -6.54 17.62
CA ARG A 76 -12.92 -6.54 17.62
C ARG A 76 -12.45 -6.87 16.21
N PRO A 77 -11.46 -7.75 16.03
CA PRO A 77 -11.02 -8.06 14.66
C PRO A 77 -12.14 -8.50 13.75
N ASP A 78 -13.12 -9.27 14.25
CA ASP A 78 -14.24 -9.73 13.44
C ASP A 78 -15.21 -8.63 13.02
N ARG A 79 -15.03 -7.39 13.49
CA ARG A 79 -15.90 -6.30 13.07
C ARG A 79 -15.18 -5.23 12.27
N LEU A 80 -13.86 -5.32 12.15
CA LEU A 80 -13.09 -4.23 11.56
C LEU A 80 -13.33 -4.08 10.06
N GLU A 81 -13.48 -5.20 9.34
CA GLU A 81 -13.69 -5.12 7.89
C GLU A 81 -14.98 -4.39 7.56
N LEU A 82 -16.06 -4.77 8.23
CA LEU A 82 -17.35 -4.12 8.01
C LEU A 82 -17.29 -2.63 8.36
N ILE A 83 -16.66 -2.28 9.50
CA ILE A 83 -16.56 -0.88 9.90
C ILE A 83 -15.80 -0.09 8.82
N ALA A 84 -14.71 -0.68 8.28
CA ALA A 84 -13.92 0.03 7.26
C ALA A 84 -14.72 0.18 5.97
N TYR A 85 -15.51 -0.84 5.62
CA TYR A 85 -16.37 -0.77 4.44
C TYR A 85 -17.37 0.37 4.58
N VAL A 86 -18.04 0.44 5.74
CA VAL A 86 -19.02 1.50 6.00
C VAL A 86 -18.34 2.87 5.89
N LEU A 87 -17.19 3.03 6.53
CA LEU A 87 -16.53 4.32 6.51
C LEU A 87 -16.06 4.69 5.11
N GLU A 88 -15.67 3.70 4.29
CA GLU A 88 -15.22 4.02 2.94
C GLU A 88 -16.38 4.54 2.11
N PHE A 89 -17.54 3.92 2.28
CA PHE A 89 -18.71 4.44 1.58
C PHE A 89 -19.03 5.84 2.08
N ALA A 90 -18.92 6.06 3.40
CA ALA A 90 -19.17 7.40 3.94
C ALA A 90 -18.19 8.42 3.37
N PHE A 91 -16.88 8.08 3.30
CA PHE A 91 -15.90 9.02 2.75
C PHE A 91 -16.29 9.44 1.33
N LEU A 92 -16.74 8.49 0.51
CA LEU A 92 -17.06 8.77 -0.90
C LEU A 92 -18.38 9.49 -1.04
N HIS A 93 -19.37 9.10 -0.23
CA HIS A 93 -20.66 9.79 -0.25
C HIS A 93 -20.51 11.22 0.28
N ASP A 94 -19.61 11.42 1.24
CA ASP A 94 -19.36 12.76 1.77
C ASP A 94 -19.07 13.75 0.65
N SER A 95 -18.17 13.37 -0.27
CA SER A 95 -17.83 14.30 -1.35
C SER A 95 -19.01 14.55 -2.28
N VAL A 96 -19.87 13.55 -2.46
CA VAL A 96 -21.09 13.76 -3.25
C VAL A 96 -21.99 14.79 -2.58
N LEU A 97 -22.18 14.68 -1.25
CA LEU A 97 -23.02 15.67 -0.54
C LEU A 97 -22.46 17.08 -0.65
N GLU A 98 -21.13 17.23 -0.63
CA GLU A 98 -20.55 18.56 -0.70
C GLU A 98 -20.48 19.08 -2.13
N SER A 99 -20.66 18.22 -3.12
CA SER A 99 -20.50 18.62 -4.51
C SER A 99 -21.54 19.67 -4.92
N GLU A 100 -21.13 20.54 -5.84
CA GLU A 100 -21.97 21.60 -6.38
C GLU A 100 -22.14 21.54 -7.88
N ASN A 101 -21.42 20.67 -8.57
CA ASN A 101 -21.43 20.60 -10.03
C ASN A 101 -22.25 19.44 -10.56
N THR A 102 -22.96 18.73 -9.69
CA THR A 102 -23.78 17.60 -10.12
C THR A 102 -25.07 18.11 -10.75
N SER A 103 -25.27 17.81 -12.03
CA SER A 103 -26.52 18.13 -12.67
C SER A 103 -27.66 17.42 -11.94
N PRO A 104 -28.86 18.00 -11.95
CA PRO A 104 -30.03 17.26 -11.45
C PRO A 104 -30.13 15.84 -12.00
N GLU A 105 -29.87 15.64 -13.30
CA GLU A 105 -29.97 14.31 -13.89
C GLU A 105 -28.96 13.35 -13.28
N SER A 106 -27.75 13.82 -12.99
CA SER A 106 -26.73 12.93 -12.40
C SER A 106 -27.12 12.59 -10.96
N GLU A 107 -27.64 13.58 -10.25
CA GLU A 107 -28.08 13.32 -8.89
C GLU A 107 -29.16 12.24 -8.86
N VAL A 108 -30.14 12.34 -9.75
CA VAL A 108 -31.21 11.33 -9.83
C VAL A 108 -30.56 10.00 -10.21
N GLN A 109 -29.56 10.02 -11.07
CA GLN A 109 -28.94 8.80 -11.57
C GLN A 109 -28.20 8.06 -10.47
N ALA A 110 -27.58 8.81 -9.55
CA ALA A 110 -26.79 8.17 -8.50
C ALA A 110 -27.65 7.69 -7.34
N GLU A 111 -28.85 8.25 -7.17
CA GLU A 111 -29.60 8.11 -5.93
C GLU A 111 -29.81 6.65 -5.55
N ALA A 112 -30.25 5.81 -6.51
CA ALA A 112 -30.61 4.45 -6.16
C ALA A 112 -29.37 3.60 -5.85
N GLY A 113 -28.24 3.94 -6.46
CA GLY A 113 -27.01 3.24 -6.11
C GLY A 113 -26.52 3.62 -4.72
N LEU A 114 -26.54 4.92 -4.40
CA LEU A 114 -26.20 5.36 -3.06
C LEU A 114 -27.13 4.72 -2.04
N ARG A 115 -28.43 4.65 -2.36
CA ARG A 115 -29.37 4.04 -1.44
C ARG A 115 -29.07 2.55 -1.25
N LEU A 116 -28.78 1.83 -2.34
CA LEU A 116 -28.45 0.41 -2.23
C LEU A 116 -27.29 0.18 -1.27
N LEU A 117 -26.20 0.92 -1.45
CA LEU A 117 -25.03 0.70 -0.61
C LEU A 117 -25.25 1.17 0.81
N TYR A 118 -25.96 2.29 1.00
CA TYR A 118 -26.36 2.68 2.36
C TYR A 118 -27.14 1.57 3.04
N GLU A 119 -28.17 1.04 2.38
CA GLU A 119 -29.00 0.02 2.99
C GLU A 119 -28.23 -1.27 3.21
N ARG A 120 -27.32 -1.60 2.29
CA ARG A 120 -26.44 -2.75 2.47
C ARG A 120 -25.60 -2.61 3.75
N CYS A 121 -25.01 -1.42 3.97
CA CYS A 121 -24.28 -1.17 5.22
C CYS A 121 -25.17 -1.40 6.43
N ILE A 122 -26.35 -0.78 6.45
CA ILE A 122 -27.21 -0.86 7.62
C ILE A 122 -27.67 -2.29 7.86
N SER A 123 -28.04 -3.00 6.79
CA SER A 123 -28.49 -4.36 6.97
C SER A 123 -27.36 -5.25 7.50
N ARG A 124 -26.13 -5.10 6.99
CA ARG A 124 -25.04 -5.93 7.50
C ARG A 124 -24.76 -5.61 8.98
N LEU A 125 -24.79 -4.33 9.34
CA LEU A 125 -24.63 -3.97 10.74
C LEU A 125 -25.73 -4.56 11.61
N LEU A 126 -26.97 -4.46 11.15
CA LEU A 126 -28.13 -4.96 11.93
C LEU A 126 -28.02 -6.47 12.13
N GLN A 127 -27.57 -7.19 11.12
CA GLN A 127 -27.42 -8.64 11.24
C GLN A 127 -26.34 -9.01 12.24
N THR A 128 -25.36 -8.13 12.44
CA THR A 128 -24.25 -8.41 13.32
C THR A 128 -24.54 -8.04 14.77
N ASP A 129 -25.10 -6.85 14.99
CA ASP A 129 -25.31 -6.37 16.36
C ASP A 129 -26.44 -5.34 16.30
N GLU A 130 -27.66 -5.77 16.59
CA GLU A 130 -28.83 -4.94 16.32
C GLU A 130 -28.80 -3.66 17.13
N VAL A 131 -28.50 -3.75 18.44
CA VAL A 131 -28.52 -2.56 19.29
C VAL A 131 -27.50 -1.54 18.79
N CYS A 132 -26.26 -1.99 18.56
CA CYS A 132 -25.23 -1.07 18.12
C CYS A 132 -25.57 -0.50 16.75
N ALA A 133 -26.17 -1.33 15.90
CA ALA A 133 -26.44 -0.91 14.54
C ALA A 133 -27.48 0.20 14.50
N LYS A 134 -28.46 0.14 15.40
CA LYS A 134 -29.49 1.16 15.39
C LYS A 134 -28.92 2.54 15.68
N LYS A 135 -27.91 2.61 16.55
CA LYS A 135 -27.25 3.89 16.85
C LYS A 135 -26.48 4.41 15.63
N ILE A 136 -25.86 3.52 14.85
CA ILE A 136 -25.15 3.91 13.63
C ILE A 136 -26.13 4.46 12.62
N ALA A 137 -27.26 3.77 12.44
CA ALA A 137 -28.24 4.22 11.44
C ALA A 137 -28.76 5.60 11.78
N LYS A 138 -29.09 5.82 13.06
CA LYS A 138 -29.62 7.10 13.52
C LYS A 138 -28.61 8.23 13.31
N THR A 139 -27.36 8.02 13.75
CA THR A 139 -26.38 9.09 13.62
C THR A 139 -25.97 9.34 12.18
N TRP A 140 -25.95 8.29 11.35
CA TRP A 140 -25.57 8.48 9.95
C TRP A 140 -26.61 9.31 9.23
N LYS A 141 -27.87 8.96 9.43
CA LYS A 141 -28.94 9.72 8.80
C LYS A 141 -28.90 11.17 9.26
N ASP A 142 -28.60 11.40 10.55
CA ASP A 142 -28.53 12.79 11.03
C ASP A 142 -27.39 13.55 10.36
N ALA A 143 -26.25 12.89 10.14
CA ALA A 143 -25.12 13.53 9.46
C ALA A 143 -25.49 13.91 8.03
N ILE A 144 -26.07 12.95 7.29
CA ILE A 144 -26.46 13.19 5.91
C ILE A 144 -27.47 14.32 5.83
N ASN A 145 -28.48 14.28 6.68
CA ASN A 145 -29.56 15.27 6.60
C ASN A 145 -29.06 16.65 6.99
N THR A 146 -28.17 16.72 8.01
CA THR A 146 -27.68 18.01 8.47
C THR A 146 -26.76 18.65 7.42
N THR A 147 -25.87 17.85 6.82
CA THR A 147 -25.07 18.37 5.71
C THR A 147 -25.95 18.91 4.60
N THR A 148 -26.96 18.12 4.20
CA THR A 148 -27.80 18.48 3.07
C THR A 148 -28.53 19.80 3.35
N LYS A 149 -29.01 19.97 4.60
CA LYS A 149 -29.81 21.15 4.92
C LYS A 149 -28.95 22.39 5.20
N ASP A 150 -27.83 22.22 5.88
CA ASP A 150 -27.12 23.35 6.48
C ASP A 150 -25.74 23.65 5.88
N LYS A 151 -25.26 22.90 4.88
CA LYS A 151 -23.89 23.12 4.45
C LYS A 151 -23.60 24.52 3.92
N ASN A 152 -24.61 25.29 3.48
CA ASN A 152 -24.43 26.64 2.95
CA ASN A 152 -24.30 26.63 2.98
C ASN A 152 -24.60 27.74 4.00
N VAL A 153 -24.83 27.38 5.26
CA VAL A 153 -25.03 28.40 6.29
C VAL A 153 -23.77 29.25 6.43
N ASP A 154 -23.95 30.56 6.60
CA ASP A 154 -22.84 31.49 6.81
C ASP A 154 -22.64 31.65 8.31
N PHE A 155 -21.67 30.92 8.86
CA PHE A 155 -21.45 30.97 10.30
C PHE A 155 -20.66 32.20 10.65
N GLN A 156 -21.02 32.83 11.75
CA GLN A 156 -20.35 34.05 12.17
C GLN A 156 -19.42 33.85 13.35
N SER A 157 -19.22 32.61 13.79
CA SER A 157 -18.16 32.31 14.74
C SER A 157 -17.80 30.85 14.62
N ILE A 158 -16.58 30.54 15.05
CA ILE A 158 -16.15 29.15 15.11
C ILE A 158 -17.05 28.35 16.05
N GLU A 159 -17.47 28.94 17.15
CA GLU A 159 -18.33 28.22 18.10
C GLU A 159 -19.65 27.80 17.43
N ASP A 160 -20.27 28.69 16.68
CA ASP A 160 -21.51 28.33 15.99
CA ASP A 160 -21.51 28.33 16.00
C ASP A 160 -21.25 27.29 14.90
N TYR A 161 -20.19 27.50 14.13
CA TYR A 161 -19.78 26.54 13.11
C TYR A 161 -19.65 25.14 13.68
N LEU A 162 -19.05 25.01 14.87
CA LEU A 162 -18.72 23.68 15.40
C LEU A 162 -19.97 22.92 15.76
N GLU A 163 -21.06 23.60 16.15
CA GLU A 163 -22.27 22.84 16.46
C GLU A 163 -22.81 22.14 15.22
N PHE A 164 -22.71 22.78 14.05
CA PHE A 164 -23.02 22.12 12.77
C PHE A 164 -21.93 21.12 12.40
N ARG A 165 -20.66 21.54 12.53
CA ARG A 165 -19.56 20.76 11.97
C ARG A 165 -19.37 19.42 12.67
N MET A 166 -19.65 19.33 13.98
CA MET A 166 -19.46 18.03 14.64
C MET A 166 -20.42 16.98 14.05
N ILE A 167 -21.60 17.40 13.60
CA ILE A 167 -22.52 16.48 12.95
C ILE A 167 -22.14 16.27 11.49
N ASP A 168 -21.82 17.37 10.78
CA ASP A 168 -21.46 17.27 9.37
C ASP A 168 -20.27 16.34 9.17
N THR A 169 -19.27 16.41 10.06
CA THR A 169 -18.11 15.52 9.91
C THR A 169 -18.43 14.10 10.35
N GLY A 170 -19.60 13.88 10.95
CA GLY A 170 -19.97 12.53 11.36
C GLY A 170 -19.29 12.06 12.63
N ALA A 171 -18.95 12.98 13.55
CA ALA A 171 -18.34 12.57 14.82
C ALA A 171 -19.24 11.62 15.62
N PRO A 172 -20.54 11.90 15.83
CA PRO A 172 -21.40 10.93 16.49
C PRO A 172 -21.51 9.61 15.73
N PHE A 173 -21.44 9.64 14.40
CA PHE A 173 -21.51 8.43 13.59
C PHE A 173 -20.26 7.56 13.80
N VAL A 174 -19.08 8.19 13.82
CA VAL A 174 -17.87 7.42 14.12
C VAL A 174 -17.88 6.89 15.55
N GLU A 175 -18.37 7.67 16.52
CA GLU A 175 -18.53 7.15 17.88
CA GLU A 175 -18.53 7.16 17.88
C GLU A 175 -19.42 5.92 17.89
N ALA A 176 -20.50 5.92 17.09
CA ALA A 176 -21.40 4.77 17.06
C ALA A 176 -20.71 3.56 16.40
N LEU A 177 -19.86 3.81 15.40
CA LEU A 177 -19.05 2.73 14.81
C LEU A 177 -18.04 2.20 15.82
N MET A 178 -17.44 3.10 16.60
CA MET A 178 -16.47 2.68 17.61
C MET A 178 -17.13 1.78 18.64
N LEU A 179 -18.31 2.17 19.12
CA LEU A 179 -19.03 1.33 20.07
C LEU A 179 -19.37 -0.03 19.47
N PHE A 180 -19.83 -0.03 18.22
CA PHE A 180 -20.06 -1.29 17.51
C PHE A 180 -18.80 -2.14 17.50
N GLY A 181 -17.65 -1.55 17.17
CA GLY A 181 -16.40 -2.32 17.18
C GLY A 181 -16.03 -2.89 18.54
N LEU A 182 -16.43 -2.24 19.61
CA LEU A 182 -16.21 -2.72 20.97
C LEU A 182 -17.29 -3.68 21.44
N GLY A 183 -18.40 -3.79 20.70
CA GLY A 183 -19.55 -4.52 21.20
C GLY A 183 -20.12 -3.87 22.44
N MET A 184 -20.18 -2.55 22.45
CA MET A 184 -20.53 -1.80 23.64
C MET A 184 -21.78 -0.98 23.40
N SER A 185 -22.71 -0.98 24.36
CA SER A 185 -23.82 -0.05 24.32
CA SER A 185 -23.86 -0.10 24.34
C SER A 185 -23.86 0.73 25.63
N LEU A 186 -24.33 1.97 25.52
CA LEU A 186 -24.39 2.87 26.67
C LEU A 186 -25.83 2.96 27.16
N SER A 187 -25.99 3.11 28.48
CA SER A 187 -27.31 3.35 29.04
C SER A 187 -27.75 4.79 28.74
N PRO A 188 -29.06 5.06 28.76
CA PRO A 188 -29.50 6.45 28.58
C PRO A 188 -28.83 7.43 29.53
N GLN A 189 -28.52 7.00 30.76
CA GLN A 189 -27.82 7.88 31.68
C GLN A 189 -26.35 8.06 31.28
N GLU A 190 -25.69 6.99 30.86
CA GLU A 190 -24.31 7.13 30.39
C GLU A 190 -24.26 7.99 29.14
N ASP A 191 -25.25 7.83 28.25
CA ASP A 191 -25.31 8.62 27.03
C ASP A 191 -25.38 10.11 27.36
N ASP A 192 -26.29 10.48 28.26
CA ASP A 192 -26.43 11.88 28.67
C ASP A 192 -25.14 12.44 29.24
N ALA A 193 -24.51 11.71 30.16
CA ALA A 193 -23.33 12.24 30.85
C ALA A 193 -22.11 12.23 29.94
N LEU A 194 -21.95 11.17 29.15
CA LEU A 194 -20.77 11.13 28.28
C LEU A 194 -20.85 12.13 27.14
N GLY A 195 -22.06 12.55 26.73
CA GLY A 195 -22.14 13.56 25.69
C GLY A 195 -21.42 14.84 26.05
N HIS A 196 -21.55 15.28 27.30
CA HIS A 196 -20.82 16.46 27.74
C HIS A 196 -19.31 16.25 27.65
N VAL A 197 -18.84 15.05 28.04
CA VAL A 197 -17.41 14.75 28.05
C VAL A 197 -16.85 14.80 26.63
N ILE A 198 -17.58 14.24 25.66
CA ILE A 198 -17.01 14.04 24.32
C ILE A 198 -17.18 15.24 23.40
N ARG A 199 -18.00 16.23 23.75
CA ARG A 199 -18.11 17.42 22.90
C ARG A 199 -16.76 18.00 22.49
N PRO A 200 -15.81 18.25 23.41
CA PRO A 200 -14.52 18.82 22.96
C PRO A 200 -13.72 17.84 22.12
N CYS A 201 -13.91 16.52 22.33
CA CYS A 201 -13.29 15.55 21.44
C CYS A 201 -13.79 15.73 20.02
N PHE A 202 -15.13 15.82 19.84
CA PHE A 202 -15.70 16.01 18.51
C PHE A 202 -15.17 17.29 17.86
N ALA A 203 -15.06 18.38 18.65
CA ALA A 203 -14.54 19.63 18.11
C ALA A 203 -13.09 19.48 17.66
N ALA A 204 -12.26 18.85 18.48
CA ALA A 204 -10.86 18.65 18.11
C ALA A 204 -10.75 17.80 16.85
N LEU A 205 -11.57 16.76 16.74
CA LEU A 205 -11.54 15.91 15.54
C LEU A 205 -11.88 16.73 14.30
N ALA A 206 -12.94 17.56 14.39
CA ALA A 206 -13.40 18.31 13.21
C ALA A 206 -12.40 19.37 12.81
N LEU A 207 -11.83 20.08 13.80
CA LEU A 207 -10.89 21.14 13.49
C LEU A 207 -9.57 20.56 12.99
N THR A 208 -9.17 19.41 13.53
CA THR A 208 -7.96 18.74 13.00
C THR A 208 -8.16 18.35 11.55
N ASN A 209 -9.34 17.80 11.23
CA ASN A 209 -9.66 17.54 9.84
C ASN A 209 -9.55 18.82 9.01
N ASP A 210 -10.16 19.92 9.48
CA ASP A 210 -10.10 21.16 8.72
C ASP A 210 -8.66 21.56 8.45
N TYR A 211 -7.80 21.45 9.47
CA TYR A 211 -6.40 21.87 9.37
C TYR A 211 -5.65 21.12 8.27
N PHE A 212 -5.81 19.79 8.21
CA PHE A 212 -5.06 18.95 7.27
C PHE A 212 -5.73 18.80 5.92
N SER A 213 -7.05 19.06 5.81
CA SER A 213 -7.76 18.91 4.54
C SER A 213 -8.04 20.26 3.85
N PHE A 214 -7.68 21.37 4.46
CA PHE A 214 -7.89 22.69 3.87
C PHE A 214 -7.32 22.81 2.47
N ASP A 215 -6.03 22.50 2.28
CA ASP A 215 -5.42 22.69 0.96
C ASP A 215 -6.23 21.96 -0.11
N ARG A 216 -6.57 20.69 0.16
CA ARG A 216 -7.34 19.88 -0.78
C ARG A 216 -8.72 20.49 -1.01
N GLU A 217 -9.34 21.01 0.05
CA GLU A 217 -10.69 21.57 -0.11
C GLU A 217 -10.68 22.90 -0.90
N ILE A 218 -9.59 23.66 -0.85
CA ILE A 218 -9.42 24.78 -1.75
C ILE A 218 -9.21 24.28 -3.19
N GLU A 219 -8.39 23.25 -3.37
CA GLU A 219 -8.22 22.71 -4.71
C GLU A 219 -9.54 22.29 -5.32
N GLU A 220 -10.51 21.88 -4.50
CA GLU A 220 -11.80 21.41 -5.00
C GLU A 220 -12.89 22.47 -4.97
N VAL A 221 -12.58 23.71 -4.57
CA VAL A 221 -13.63 24.67 -4.27
C VAL A 221 -14.39 25.10 -5.53
N ASP A 222 -13.85 24.85 -6.72
CA ASP A 222 -14.59 25.12 -7.95
C ASP A 222 -15.80 24.19 -8.12
N THR A 223 -15.82 23.03 -7.46
CA THR A 223 -16.95 22.12 -7.56
C THR A 223 -17.52 21.66 -6.22
N SER A 224 -17.07 22.22 -5.08
CA SER A 224 -17.40 21.64 -3.77
C SER A 224 -17.61 22.75 -2.76
N THR A 225 -18.68 22.62 -1.96
CA THR A 225 -18.93 23.57 -0.86
C THR A 225 -17.74 23.54 0.12
N LEU A 226 -17.22 24.72 0.42
CA LEU A 226 -16.09 24.86 1.33
C LEU A 226 -16.61 24.92 2.76
N ILE A 227 -16.32 23.89 3.55
CA ILE A 227 -16.75 23.79 4.96
C ILE A 227 -15.46 23.63 5.76
N ASN A 228 -14.92 24.74 6.28
CA ASN A 228 -13.59 24.64 6.84
C ASN A 228 -13.29 25.87 7.71
N SER A 229 -12.99 25.61 8.99
CA SER A 229 -12.71 26.66 9.96
C SER A 229 -11.53 27.56 9.57
N VAL A 230 -10.53 27.05 8.82
CA VAL A 230 -9.43 27.91 8.42
C VAL A 230 -9.95 29.03 7.55
N ALA A 231 -10.88 28.69 6.63
CA ALA A 231 -11.49 29.71 5.78
C ALA A 231 -12.31 30.69 6.60
N ILE A 232 -13.08 30.19 7.58
CA ILE A 232 -13.88 31.07 8.42
C ILE A 232 -12.99 32.08 9.12
N VAL A 233 -11.89 31.61 9.72
CA VAL A 233 -10.95 32.50 10.40
C VAL A 233 -10.34 33.51 9.43
N MET A 234 -9.96 33.05 8.21
CA MET A 234 -9.43 33.98 7.22
C MET A 234 -10.41 35.12 6.95
N ARG A 235 -11.70 34.79 6.83
CA ARG A 235 -12.69 35.80 6.48
CA ARG A 235 -12.69 35.80 6.48
C ARG A 235 -12.98 36.71 7.67
N ILE A 236 -13.24 36.12 8.85
CA ILE A 236 -13.67 36.92 9.99
C ILE A 236 -12.55 37.83 10.48
N GLN A 237 -11.33 37.33 10.52
CA GLN A 237 -10.20 38.05 11.08
C GLN A 237 -9.29 38.66 10.02
N SER A 238 -9.61 38.55 8.73
CA SER A 238 -8.79 39.12 7.66
C SER A 238 -7.34 38.67 7.76
N LEU A 239 -7.14 37.36 7.78
CA LEU A 239 -5.81 36.77 7.94
C LEU A 239 -5.47 35.91 6.75
N ASP A 240 -4.17 35.71 6.53
CA ASP A 240 -3.71 34.79 5.48
C ASP A 240 -3.80 33.33 5.92
N ILE A 241 -3.45 32.42 5.01
CA ILE A 241 -3.58 30.98 5.30
C ILE A 241 -2.72 30.55 6.49
N PRO A 242 -1.40 30.81 6.49
CA PRO A 242 -0.60 30.30 7.62
C PRO A 242 -1.03 30.89 8.96
N THR A 243 -1.41 32.17 8.99
CA THR A 243 -1.84 32.76 10.26
C THR A 243 -3.17 32.17 10.72
N ALA A 244 -4.12 31.99 9.80
CA ALA A 244 -5.38 31.36 10.18
C ALA A 244 -5.16 29.93 10.62
N LYS A 245 -4.25 29.21 9.95
CA LYS A 245 -3.96 27.83 10.35
C LYS A 245 -3.38 27.78 11.76
N THR A 246 -2.54 28.76 12.11
CA THR A 246 -2.00 28.83 13.46
C THR A 246 -3.13 29.03 14.48
N ILE A 247 -4.08 29.91 14.19
CA ILE A 247 -5.24 30.05 15.06
C ILE A 247 -5.99 28.73 15.20
N ILE A 248 -6.19 28.02 14.09
CA ILE A 248 -6.91 26.75 14.19
C ILE A 248 -6.08 25.72 14.96
N ASN A 249 -4.76 25.73 14.76
CA ASN A 249 -3.88 24.85 15.53
C ASN A 249 -4.02 25.10 17.02
N GLU A 250 -3.96 26.38 17.44
CA GLU A 250 -4.15 26.73 18.85
C GLU A 250 -5.51 26.30 19.35
N THR A 251 -6.54 26.44 18.50
CA THR A 251 -7.89 26.06 18.90
C THR A 251 -8.03 24.55 19.06
N ILE A 252 -7.42 23.78 18.16
CA ILE A 252 -7.37 22.32 18.35
C ILE A 252 -6.74 21.99 19.70
N GLN A 253 -5.56 22.61 19.99
CA GLN A 253 -4.89 22.33 21.25
C GLN A 253 -5.80 22.64 22.43
N LYS A 254 -6.58 23.72 22.35
CA LYS A 254 -7.54 24.07 23.39
C LYS A 254 -8.56 22.95 23.61
N TYR A 255 -9.16 22.46 22.53
CA TYR A 255 -10.17 21.41 22.65
C TYR A 255 -9.55 20.08 23.08
N GLU A 256 -8.33 19.79 22.65
CA GLU A 256 -7.64 18.57 23.09
C GLU A 256 -7.46 18.58 24.61
N ARG A 257 -6.98 19.72 25.16
CA ARG A 257 -6.85 19.84 26.61
CA ARG A 257 -6.85 19.84 26.61
C ARG A 257 -8.20 19.76 27.28
N GLU A 258 -9.22 20.40 26.69
CA GLU A 258 -10.55 20.37 27.30
C GLU A 258 -11.08 18.94 27.41
N PHE A 259 -10.86 18.11 26.38
CA PHE A 259 -11.34 16.74 26.45
C PHE A 259 -10.63 15.96 27.57
N LEU A 260 -9.31 16.14 27.71
CA LEU A 260 -8.61 15.49 28.81
C LEU A 260 -9.15 15.97 30.16
N ARG A 261 -9.46 17.27 30.27
CA ARG A 261 -10.04 17.79 31.50
C ARG A 261 -11.35 17.08 31.81
N ARG A 262 -12.23 16.97 30.80
CA ARG A 262 -13.56 16.45 31.06
C ARG A 262 -13.52 14.97 31.39
N ILE A 263 -12.58 14.22 30.82
CA ILE A 263 -12.42 12.81 31.19
C ILE A 263 -12.10 12.70 32.67
N ASP A 264 -11.12 13.49 33.13
CA ASP A 264 -10.73 13.42 34.52
C ASP A 264 -11.79 14.00 35.43
N GLU A 265 -12.51 15.02 34.96
CA GLU A 265 -13.61 15.57 35.77
C GLU A 265 -14.70 14.52 35.95
N TYR A 266 -15.01 13.76 34.90
CA TYR A 266 -15.99 12.68 35.00
C TYR A 266 -15.56 11.66 36.05
N LYS A 267 -14.28 11.26 36.01
CA LYS A 267 -13.78 10.31 36.99
C LYS A 267 -13.85 10.86 38.40
N GLN A 268 -13.58 12.16 38.56
CA GLN A 268 -13.55 12.76 39.89
C GLN A 268 -14.96 12.92 40.47
N HIS A 269 -15.96 13.20 39.63
CA HIS A 269 -17.32 13.46 40.10
C HIS A 269 -18.22 12.24 40.08
N LYS A 270 -18.09 11.38 39.08
CA LYS A 270 -19.01 10.27 38.86
C LYS A 270 -18.32 8.93 38.99
N GLY A 271 -17.19 8.87 39.71
CA GLY A 271 -16.38 7.68 39.78
C GLY A 271 -16.25 7.12 41.19
N PRO A 272 -15.53 6.00 41.35
CA PRO A 272 -14.76 5.13 40.44
C PRO A 272 -15.60 4.60 39.28
N ILE A 273 -15.07 4.70 38.08
CA ILE A 273 -15.84 4.35 36.90
C ILE A 273 -15.69 2.87 36.58
N SER A 274 -16.70 2.33 35.93
CA SER A 274 -16.69 0.93 35.54
C SER A 274 -15.57 0.68 34.53
N ASN A 275 -15.16 -0.58 34.41
CA ASN A 275 -14.23 -0.95 33.36
C ASN A 275 -14.79 -0.61 31.98
N LYS A 276 -16.11 -0.75 31.82
CA LYS A 276 -16.72 -0.43 30.53
C LYS A 276 -16.48 1.03 30.17
N ILE A 277 -16.79 1.95 31.09
CA ILE A 277 -16.65 3.37 30.75
C ILE A 277 -15.19 3.75 30.69
N GLU A 278 -14.32 3.09 31.46
CA GLU A 278 -12.88 3.30 31.31
C GLU A 278 -12.44 2.98 29.87
N GLN A 279 -12.86 1.84 29.34
CA GLN A 279 -12.51 1.48 27.97
C GLN A 279 -13.11 2.46 26.96
N TYR A 280 -14.35 2.88 27.20
CA TYR A 280 -14.97 3.90 26.36
C TYR A 280 -14.12 5.16 26.29
N MET A 281 -13.67 5.67 27.45
CA MET A 281 -12.89 6.90 27.42
CA MET A 281 -12.85 6.89 27.48
C MET A 281 -11.56 6.68 26.71
N GLU A 282 -10.89 5.56 26.97
CA GLU A 282 -9.64 5.31 26.28
C GLU A 282 -9.86 5.25 24.78
N ALA A 283 -10.91 4.54 24.36
CA ALA A 283 -11.19 4.38 22.93
C ALA A 283 -11.44 5.73 22.28
N MET A 284 -12.15 6.62 22.97
CA MET A 284 -12.35 7.97 22.42
C MET A 284 -11.02 8.70 22.23
N THR A 285 -10.10 8.58 23.19
CA THR A 285 -8.81 9.27 23.02
C THR A 285 -8.03 8.74 21.81
N TYR A 286 -8.16 7.45 21.50
CA TYR A 286 -7.46 6.93 20.33
C TYR A 286 -8.01 7.51 19.02
N GLN A 287 -9.27 8.00 18.99
CA GLN A 287 -9.74 8.66 17.77
C GLN A 287 -8.92 9.92 17.49
N ILE A 288 -8.55 10.65 18.54
CA ILE A 288 -7.80 11.89 18.37
C ILE A 288 -6.44 11.59 17.77
N SER A 289 -5.71 10.66 18.37
CA SER A 289 -4.36 10.39 17.87
C SER A 289 -4.40 9.75 16.49
N GLY A 290 -5.32 8.81 16.27
CA GLY A 290 -5.42 8.16 14.95
C GLY A 290 -5.83 9.11 13.85
N ASN A 291 -6.80 9.98 14.13
CA ASN A 291 -7.22 10.94 13.13
C ASN A 291 -6.07 11.86 12.75
N LEU A 292 -5.34 12.31 13.76
CA LEU A 292 -4.19 13.20 13.56
C LEU A 292 -3.11 12.51 12.71
N VAL A 293 -2.67 11.30 13.11
CA VAL A 293 -1.56 10.69 12.41
C VAL A 293 -1.95 10.26 10.99
N TRP A 294 -3.18 9.76 10.81
CA TRP A 294 -3.65 9.40 9.48
C TRP A 294 -3.66 10.62 8.55
N SER A 295 -4.09 11.79 9.06
CA SER A 295 -4.23 12.99 8.25
C SER A 295 -2.91 13.53 7.76
N LEU A 296 -1.79 13.20 8.42
CA LEU A 296 -0.51 13.81 8.04
C LEU A 296 -0.15 13.48 6.61
N ASN A 297 -0.42 12.24 6.17
CA ASN A 297 0.02 11.83 4.84
C ASN A 297 -1.01 10.97 4.11
N CYS A 298 -2.28 10.96 4.53
CA CYS A 298 -3.26 10.18 3.81
C CYS A 298 -3.37 10.70 2.37
N PRO A 299 -3.52 9.81 1.40
CA PRO A 299 -3.62 10.27 0.00
C PRO A 299 -4.85 11.12 -0.24
N ARG A 300 -5.92 10.98 0.56
CA ARG A 300 -7.09 11.83 0.35
C ARG A 300 -6.72 13.30 0.39
N TYR A 301 -5.82 13.71 1.31
CA TYR A 301 -5.51 15.13 1.46
C TYR A 301 -4.16 15.53 0.88
N ASN A 302 -3.29 14.56 0.61
CA ASN A 302 -1.88 14.87 0.39
C ASN A 302 -1.48 14.31 -0.96
N PRO A 303 -1.45 15.15 -2.00
CA PRO A 303 -1.39 14.65 -3.38
C PRO A 303 -0.17 13.81 -3.69
N ASP A 304 0.97 14.07 -3.04
CA ASP A 304 2.17 13.30 -3.39
C ASP A 304 2.23 11.96 -2.70
N TYR A 305 1.17 11.57 -2.01
CA TYR A 305 0.98 10.21 -1.51
C TYR A 305 -0.05 9.44 -2.33
N ARG A 306 -0.58 10.03 -3.40
CA ARG A 306 -1.58 9.36 -4.23
C ARG A 306 -0.95 8.49 -5.30
N TYR A 307 -1.68 7.45 -5.70
CA TYR A 307 -1.32 6.54 -6.77
C TYR A 307 -2.61 6.06 -7.43
N GLY A 308 -2.47 5.48 -8.60
CA GLY A 308 -3.64 4.86 -9.25
C GLY A 308 -4.62 5.81 -9.92
N GLU B 6 25.59 -13.73 -31.82
CA GLU B 6 25.02 -14.74 -32.70
C GLU B 6 23.62 -15.21 -32.27
N THR B 7 23.39 -15.38 -30.96
CA THR B 7 22.03 -15.65 -30.48
C THR B 7 21.17 -14.39 -30.36
N SER B 8 21.74 -13.19 -30.47
CA SER B 8 21.00 -11.99 -30.08
C SER B 8 21.47 -10.80 -30.91
N ASP B 9 20.68 -9.73 -30.85
CA ASP B 9 21.03 -8.46 -31.46
C ASP B 9 21.41 -7.46 -30.38
N LEU B 10 22.46 -6.69 -30.63
CA LEU B 10 22.75 -5.56 -29.75
C LEU B 10 21.70 -4.48 -30.00
N VAL B 11 21.23 -3.83 -28.94
CA VAL B 11 20.25 -2.74 -29.02
C VAL B 11 20.76 -1.58 -28.17
N ASP B 12 20.80 -0.38 -28.74
CA ASP B 12 21.31 0.76 -27.98
C ASP B 12 20.33 1.13 -26.86
N ILE B 13 20.80 1.04 -25.62
CA ILE B 13 19.96 1.33 -24.46
C ILE B 13 19.51 2.80 -24.44
N SER B 14 20.22 3.67 -25.15
CA SER B 14 19.81 5.08 -25.17
C SER B 14 18.52 5.33 -25.94
N ARG B 15 17.98 4.32 -26.64
CA ARG B 15 16.69 4.44 -27.29
C ARG B 15 15.53 4.41 -26.30
N PHE B 16 15.80 4.11 -25.03
CA PHE B 16 14.77 3.98 -24.00
C PHE B 16 14.99 5.03 -22.93
N ASP B 17 13.90 5.52 -22.35
CA ASP B 17 13.99 6.45 -21.23
C ASP B 17 14.12 5.63 -19.96
N THR B 18 15.34 5.48 -19.49
CA THR B 18 15.61 4.65 -18.32
C THR B 18 15.75 5.46 -17.05
N HIS B 19 15.43 6.75 -17.06
CA HIS B 19 15.45 7.57 -15.84
C HIS B 19 16.82 7.59 -15.16
N GLY B 20 17.88 7.64 -15.97
CA GLY B 20 19.23 7.64 -15.43
C GLY B 20 19.78 6.29 -15.03
N LEU B 21 19.01 5.23 -15.14
CA LEU B 21 19.48 3.90 -14.81
C LEU B 21 20.16 3.26 -16.03
N GLY B 22 20.89 2.19 -15.75
CA GLY B 22 21.57 1.43 -16.80
C GLY B 22 22.77 2.10 -17.44
N ALA B 23 23.35 3.13 -16.79
CA ALA B 23 24.51 3.82 -17.35
C ALA B 23 25.67 2.86 -17.57
N ASN B 24 26.21 2.86 -18.78
CA ASN B 24 27.34 2.04 -19.19
C ASN B 24 27.04 0.55 -19.31
N TYR B 25 25.76 0.15 -19.31
CA TYR B 25 25.35 -1.22 -19.56
C TYR B 25 24.95 -1.37 -21.02
N LYS B 26 25.30 -2.51 -21.60
CA LYS B 26 24.86 -2.86 -22.94
C LYS B 26 23.60 -3.72 -22.86
N LEU B 27 22.79 -3.67 -23.91
CA LEU B 27 21.49 -4.32 -23.98
C LEU B 27 21.46 -5.21 -25.23
N ARG B 28 20.97 -6.46 -25.08
CA ARG B 28 20.78 -7.38 -26.18
C ARG B 28 19.37 -7.97 -26.14
N ARG B 29 18.86 -8.37 -27.31
CA ARG B 29 17.53 -8.95 -27.43
C ARG B 29 17.64 -10.23 -28.26
N HIS B 30 17.22 -11.35 -27.67
CA HIS B 30 17.41 -12.65 -28.29
C HIS B 30 16.72 -12.74 -29.65
N LYS B 31 17.43 -13.29 -30.65
CA LYS B 31 16.84 -13.50 -31.97
C LYS B 31 15.74 -14.55 -31.97
N PHE B 32 15.75 -15.47 -31.01
CA PHE B 32 14.73 -16.50 -30.94
C PHE B 32 13.64 -16.14 -29.93
N GLU B 33 13.37 -14.84 -29.78
CA GLU B 33 12.37 -14.35 -28.84
C GLU B 33 11.02 -15.07 -28.97
N HIS B 34 10.64 -15.47 -30.19
CA HIS B 34 9.36 -16.14 -30.36
CA HIS B 34 9.37 -16.15 -30.38
C HIS B 34 9.28 -17.42 -29.52
N LEU B 35 10.41 -18.09 -29.30
CA LEU B 35 10.44 -19.26 -28.43
C LEU B 35 10.14 -18.88 -26.98
N ALA B 36 10.62 -17.71 -26.55
CA ALA B 36 10.28 -17.24 -25.22
C ALA B 36 8.79 -16.95 -25.10
N ASP B 37 8.21 -16.32 -26.13
CA ASP B 37 6.76 -16.07 -26.16
C ASP B 37 5.97 -17.37 -26.10
N THR B 38 6.43 -18.40 -26.83
CA THR B 38 5.73 -19.68 -26.83
C THR B 38 5.81 -20.37 -25.47
N GLY B 39 6.97 -20.30 -24.81
CA GLY B 39 7.10 -20.89 -23.48
C GLY B 39 6.19 -20.20 -22.47
N CYS B 40 6.10 -18.87 -22.55
CA CYS B 40 5.22 -18.12 -21.66
C CYS B 40 3.78 -18.49 -21.90
N HIS B 41 3.38 -18.60 -23.18
CA HIS B 41 2.00 -18.96 -23.51
C HIS B 41 1.65 -20.33 -22.97
N LYS B 42 2.57 -21.29 -23.10
CA LYS B 42 2.29 -22.65 -22.66
C LYS B 42 2.17 -22.72 -21.14
N ALA B 43 3.06 -22.01 -20.43
CA ALA B 43 2.95 -21.94 -18.97
C ALA B 43 1.63 -21.32 -18.54
N ARG B 44 1.16 -20.32 -19.28
CA ARG B 44 -0.09 -19.64 -18.91
C ARG B 44 -1.29 -20.56 -19.18
N SER B 45 -1.25 -21.30 -20.29
CA SER B 45 -2.32 -22.23 -20.57
C SER B 45 -2.34 -23.35 -19.54
N ASP B 46 -1.16 -23.84 -19.14
CA ASP B 46 -1.09 -24.85 -18.09
C ASP B 46 -1.62 -24.32 -16.75
N TRP B 47 -1.31 -23.07 -16.42
CA TRP B 47 -1.81 -22.48 -15.17
C TRP B 47 -3.33 -22.46 -15.16
N VAL B 48 -3.94 -22.11 -16.29
CA VAL B 48 -5.40 -22.11 -16.36
C VAL B 48 -5.94 -23.54 -16.25
N LYS B 49 -5.24 -24.50 -16.83
CA LYS B 49 -5.72 -25.88 -16.86
C LYS B 49 -5.69 -26.52 -15.47
N TYR B 50 -4.70 -26.16 -14.65
CA TYR B 50 -4.39 -26.88 -13.43
C TYR B 50 -4.50 -26.06 -12.15
N ILE B 51 -4.50 -24.73 -12.23
CA ILE B 51 -4.56 -23.84 -11.06
C ILE B 51 -5.84 -23.03 -11.05
N GLY B 52 -5.99 -22.12 -12.01
CA GLY B 52 -7.16 -21.26 -12.07
C GLY B 52 -6.99 -20.12 -13.07
N PRO B 53 -7.94 -19.19 -13.08
CA PRO B 53 -7.89 -18.08 -14.05
C PRO B 53 -6.71 -17.14 -13.85
N LEU B 54 -6.20 -16.61 -14.95
CA LEU B 54 -5.05 -15.72 -14.95
C LEU B 54 -5.52 -14.28 -14.78
N THR B 55 -4.88 -13.54 -13.87
CA THR B 55 -5.28 -12.16 -13.62
C THR B 55 -4.14 -11.18 -13.82
N GLU B 56 -2.92 -11.65 -14.03
CA GLU B 56 -1.78 -10.77 -14.22
C GLU B 56 -0.95 -11.29 -15.39
N PHE B 57 -0.22 -10.38 -16.03
CA PHE B 57 0.79 -10.79 -17.00
C PHE B 57 2.07 -11.17 -16.28
N GLY B 58 2.87 -12.01 -16.93
CA GLY B 58 4.18 -12.37 -16.42
C GLY B 58 5.30 -11.73 -17.21
N GLY B 59 6.03 -12.53 -17.99
CA GLY B 59 7.17 -12.01 -18.72
C GLY B 59 6.87 -11.32 -20.05
N CYS B 60 5.63 -11.38 -20.51
CA CYS B 60 5.33 -10.89 -21.85
C CYS B 60 5.60 -9.39 -21.96
N ASN B 61 6.18 -9.00 -23.08
CA ASN B 61 6.33 -7.59 -23.42
C ASN B 61 6.71 -7.52 -24.89
N HIS B 62 5.72 -7.33 -25.77
CA HIS B 62 6.01 -7.35 -27.20
C HIS B 62 6.81 -6.13 -27.66
N ILE B 63 6.69 -5.01 -26.95
CA ILE B 63 7.31 -3.77 -27.39
C ILE B 63 8.80 -3.74 -27.04
N ASN B 64 9.16 -3.95 -25.77
CA ASN B 64 10.56 -3.87 -25.38
C ASN B 64 11.28 -5.23 -25.37
N GLY B 65 10.54 -6.33 -25.54
CA GLY B 65 11.13 -7.65 -25.50
C GLY B 65 10.60 -8.50 -24.36
N ASN B 66 10.28 -9.76 -24.65
CA ASN B 66 9.93 -10.71 -23.61
C ASN B 66 11.03 -10.73 -22.55
N PHE B 67 10.63 -10.81 -21.28
CA PHE B 67 11.58 -10.77 -20.16
C PHE B 67 12.79 -11.65 -20.42
N SER B 68 12.56 -12.92 -20.79
CA SER B 68 13.65 -13.87 -20.97
C SER B 68 14.56 -13.46 -22.13
N ALA B 69 13.98 -12.84 -23.16
CA ALA B 69 14.73 -12.54 -24.38
C ALA B 69 15.71 -11.39 -24.17
N VAL B 70 15.40 -10.47 -23.22
CA VAL B 70 16.30 -9.34 -22.93
C VAL B 70 17.12 -9.55 -21.66
N VAL B 71 16.59 -10.32 -20.71
CA VAL B 71 17.35 -10.58 -19.48
C VAL B 71 18.36 -11.70 -19.69
N LEU B 72 18.06 -12.65 -20.57
CA LEU B 72 18.92 -13.82 -20.81
C LEU B 72 19.23 -13.94 -22.30
N PRO B 73 19.83 -12.90 -22.91
CA PRO B 73 19.96 -12.90 -24.37
C PRO B 73 21.02 -13.82 -24.90
N LEU B 74 21.89 -14.37 -24.06
CA LEU B 74 22.91 -15.32 -24.50
C LEU B 74 22.45 -16.78 -24.40
N CYS B 75 21.19 -17.02 -24.03
CA CYS B 75 20.69 -18.39 -23.89
CA CYS B 75 20.70 -18.38 -23.89
C CYS B 75 20.88 -19.17 -25.18
N ARG B 76 21.29 -20.44 -25.05
CA ARG B 76 21.21 -21.31 -26.20
C ARG B 76 19.77 -21.30 -26.74
N PRO B 77 19.56 -21.17 -28.04
CA PRO B 77 18.18 -21.20 -28.56
C PRO B 77 17.41 -22.45 -28.14
N ASP B 78 18.07 -23.60 -27.99
CA ASP B 78 17.36 -24.83 -27.64
C ASP B 78 16.98 -24.93 -26.17
N ARG B 79 17.31 -23.93 -25.36
CA ARG B 79 16.90 -23.88 -23.96
C ARG B 79 16.00 -22.70 -23.63
N LEU B 80 15.81 -21.77 -24.55
CA LEU B 80 15.12 -20.52 -24.25
C LEU B 80 13.63 -20.76 -23.95
N GLU B 81 12.97 -21.61 -24.75
CA GLU B 81 11.55 -21.85 -24.53
C GLU B 81 11.30 -22.42 -23.12
N LEU B 82 12.11 -23.39 -22.69
CA LEU B 82 11.92 -23.95 -21.36
C LEU B 82 12.22 -22.92 -20.28
N ILE B 83 13.30 -22.14 -20.43
CA ILE B 83 13.59 -21.13 -19.41
C ILE B 83 12.43 -20.15 -19.28
N ALA B 84 11.87 -19.70 -20.41
CA ALA B 84 10.77 -18.75 -20.35
C ALA B 84 9.54 -19.37 -19.66
N TYR B 85 9.28 -20.66 -19.93
CA TYR B 85 8.19 -21.38 -19.28
C TYR B 85 8.38 -21.42 -17.77
N VAL B 86 9.58 -21.78 -17.33
CA VAL B 86 9.86 -21.85 -15.89
C VAL B 86 9.69 -20.47 -15.25
N LEU B 87 10.24 -19.44 -15.88
CA LEU B 87 10.10 -18.10 -15.34
C LEU B 87 8.64 -17.66 -15.28
N GLU B 88 7.83 -18.03 -16.28
CA GLU B 88 6.43 -17.65 -16.27
C GLU B 88 5.68 -18.28 -15.11
N PHE B 89 5.92 -19.58 -14.88
CA PHE B 89 5.37 -20.20 -13.68
C PHE B 89 5.85 -19.46 -12.43
N ALA B 90 7.13 -19.08 -12.37
CA ALA B 90 7.63 -18.37 -11.19
C ALA B 90 6.95 -17.01 -11.04
N PHE B 91 6.75 -16.28 -12.15
CA PHE B 91 6.08 -15.00 -12.07
C PHE B 91 4.69 -15.18 -11.46
N LEU B 92 4.00 -16.25 -11.84
CA LEU B 92 2.63 -16.45 -11.38
C LEU B 92 2.60 -16.98 -9.95
N HIS B 93 3.54 -17.88 -9.62
CA HIS B 93 3.62 -18.38 -8.26
C HIS B 93 4.05 -17.28 -7.29
N ASP B 94 4.88 -16.36 -7.76
CA ASP B 94 5.31 -15.22 -6.95
C ASP B 94 4.11 -14.54 -6.30
N SER B 95 3.11 -14.21 -7.09
CA SER B 95 1.97 -13.49 -6.56
C SER B 95 1.20 -14.34 -5.56
N VAL B 96 1.15 -15.66 -5.77
CA VAL B 96 0.51 -16.54 -4.78
C VAL B 96 1.22 -16.44 -3.44
N LEU B 97 2.56 -16.50 -3.46
CA LEU B 97 3.34 -16.42 -2.23
C LEU B 97 3.13 -15.09 -1.51
N GLU B 98 3.02 -13.99 -2.26
CA GLU B 98 2.78 -12.71 -1.61
C GLU B 98 1.32 -12.52 -1.18
N SER B 99 0.40 -13.33 -1.66
CA SER B 99 -1.02 -13.06 -1.45
C SER B 99 -1.37 -13.10 0.03
N GLU B 100 -2.37 -12.29 0.39
CA GLU B 100 -2.85 -12.22 1.76
C GLU B 100 -4.30 -12.65 1.92
N ASN B 101 -4.97 -13.07 0.85
CA ASN B 101 -6.42 -13.34 0.94
C ASN B 101 -6.80 -14.81 0.70
N GLN B 109 -6.07 -26.94 -1.93
CA GLN B 109 -6.82 -26.84 -3.17
C GLN B 109 -5.89 -26.66 -4.38
N ALA B 110 -5.37 -25.45 -4.56
CA ALA B 110 -4.46 -25.21 -5.68
C ALA B 110 -3.11 -25.87 -5.49
N GLU B 111 -2.85 -26.41 -4.30
CA GLU B 111 -1.53 -26.96 -3.99
C GLU B 111 -1.18 -28.09 -4.95
N ALA B 112 -2.14 -28.95 -5.29
CA ALA B 112 -1.86 -30.09 -6.16
C ALA B 112 -1.41 -29.63 -7.54
N GLY B 113 -2.09 -28.62 -8.10
CA GLY B 113 -1.67 -28.10 -9.40
C GLY B 113 -0.33 -27.39 -9.37
N LEU B 114 -0.04 -26.68 -8.27
CA LEU B 114 1.28 -26.05 -8.12
C LEU B 114 2.41 -27.10 -8.04
N ARG B 115 2.18 -28.20 -7.32
CA ARG B 115 3.14 -29.29 -7.31
C ARG B 115 3.33 -29.86 -8.70
N LEU B 116 2.23 -30.08 -9.42
CA LEU B 116 2.30 -30.65 -10.76
C LEU B 116 3.17 -29.78 -11.67
N LEU B 117 2.93 -28.46 -11.65
CA LEU B 117 3.69 -27.59 -12.55
C LEU B 117 5.13 -27.41 -12.08
N TYR B 118 5.36 -27.35 -10.76
CA TYR B 118 6.74 -27.33 -10.29
C TYR B 118 7.48 -28.58 -10.76
N GLU B 119 6.85 -29.74 -10.60
CA GLU B 119 7.47 -30.99 -11.01
C GLU B 119 7.71 -31.01 -12.52
N ARG B 120 6.79 -30.43 -13.29
CA ARG B 120 6.97 -30.35 -14.74
C ARG B 120 8.22 -29.54 -15.07
N CYS B 121 8.38 -28.38 -14.42
CA CYS B 121 9.54 -27.53 -14.64
C CYS B 121 10.83 -28.27 -14.29
N ILE B 122 10.88 -28.86 -13.09
CA ILE B 122 12.13 -29.52 -12.68
C ILE B 122 12.42 -30.71 -13.58
N SER B 123 11.40 -31.50 -13.91
CA SER B 123 11.62 -32.69 -14.75
C SER B 123 12.15 -32.32 -16.12
N ARG B 124 11.69 -31.21 -16.70
CA ARG B 124 12.11 -30.82 -18.02
C ARG B 124 13.54 -30.26 -17.98
N LEU B 125 13.89 -29.55 -16.90
CA LEU B 125 15.29 -29.15 -16.74
C LEU B 125 16.19 -30.37 -16.57
N LEU B 126 15.74 -31.34 -15.78
CA LEU B 126 16.55 -32.51 -15.44
C LEU B 126 16.86 -33.34 -16.67
N GLN B 127 15.89 -33.47 -17.59
CA GLN B 127 16.15 -34.30 -18.76
C GLN B 127 17.19 -33.71 -19.67
N THR B 128 17.47 -32.40 -19.56
CA THR B 128 18.54 -31.77 -20.33
C THR B 128 19.85 -31.66 -19.57
N ASP B 129 19.83 -31.29 -18.27
CA ASP B 129 21.06 -31.17 -17.48
C ASP B 129 20.68 -31.41 -16.02
N GLU B 130 20.97 -32.61 -15.53
CA GLU B 130 20.52 -33.01 -14.20
C GLU B 130 21.18 -32.20 -13.10
N VAL B 131 22.51 -32.02 -13.17
CA VAL B 131 23.21 -31.27 -12.11
C VAL B 131 22.66 -29.87 -12.01
N CYS B 132 22.50 -29.21 -13.16
CA CYS B 132 21.93 -27.88 -13.16
CA CYS B 132 21.90 -27.87 -13.22
C CYS B 132 20.51 -27.88 -12.60
N ALA B 133 19.67 -28.84 -13.01
CA ALA B 133 18.28 -28.86 -12.52
C ALA B 133 18.21 -28.99 -11.01
N LYS B 134 19.08 -29.81 -10.43
CA LYS B 134 19.11 -29.95 -8.98
C LYS B 134 19.52 -28.65 -8.30
N LYS B 135 20.47 -27.91 -8.89
CA LYS B 135 20.83 -26.61 -8.31
C LYS B 135 19.69 -25.61 -8.44
N ILE B 136 18.99 -25.62 -9.57
CA ILE B 136 17.83 -24.75 -9.75
C ILE B 136 16.76 -25.08 -8.71
N ALA B 137 16.51 -26.38 -8.53
CA ALA B 137 15.52 -26.82 -7.54
C ALA B 137 15.89 -26.33 -6.13
N LYS B 138 17.16 -26.50 -5.73
CA LYS B 138 17.56 -26.08 -4.40
C LYS B 138 17.43 -24.56 -4.23
N THR B 139 17.87 -23.80 -5.22
CA THR B 139 17.80 -22.35 -5.12
CA THR B 139 17.80 -22.35 -5.12
C THR B 139 16.36 -21.87 -5.13
N TRP B 140 15.50 -22.52 -5.91
CA TRP B 140 14.11 -22.12 -6.01
C TRP B 140 13.40 -22.40 -4.69
N LYS B 141 13.61 -23.60 -4.15
CA LYS B 141 12.98 -23.92 -2.87
C LYS B 141 13.49 -23.01 -1.76
N ASP B 142 14.79 -22.76 -1.80
CA ASP B 142 15.31 -21.74 -0.78
CA ASP B 142 15.32 -21.74 -0.86
C ASP B 142 14.65 -20.32 -0.86
N ALA B 143 14.43 -19.87 -2.11
CA ALA B 143 13.74 -18.59 -2.27
C ALA B 143 12.33 -18.66 -1.70
N ILE B 144 11.59 -19.74 -2.04
CA ILE B 144 10.21 -19.89 -1.56
C ILE B 144 10.17 -19.91 -0.04
N ASN B 145 11.08 -20.67 0.59
CA ASN B 145 11.07 -20.74 2.05
CA ASN B 145 11.09 -20.75 2.05
C ASN B 145 11.40 -19.39 2.67
N THR B 146 12.33 -18.65 2.08
CA THR B 146 12.67 -17.34 2.62
C THR B 146 11.48 -16.38 2.50
N THR B 147 10.85 -16.36 1.33
CA THR B 147 9.66 -15.52 1.16
C THR B 147 8.58 -15.89 2.15
N THR B 148 8.30 -17.19 2.29
CA THR B 148 7.24 -17.64 3.19
C THR B 148 7.53 -17.27 4.63
N LYS B 149 8.78 -17.40 5.06
CA LYS B 149 9.11 -17.19 6.47
C LYS B 149 9.25 -15.71 6.83
N ASP B 150 9.77 -14.90 5.89
CA ASP B 150 10.25 -13.57 6.23
C ASP B 150 9.53 -12.41 5.56
N LYS B 151 8.52 -12.64 4.71
CA LYS B 151 7.91 -11.53 3.97
C LYS B 151 7.24 -10.48 4.86
N ASN B 152 6.89 -10.81 6.10
CA ASN B 152 6.22 -9.87 6.97
C ASN B 152 7.16 -9.17 7.95
N VAL B 153 8.46 -9.39 7.82
CA VAL B 153 9.45 -8.75 8.70
C VAL B 153 9.45 -7.24 8.47
N ASP B 154 9.52 -6.48 9.57
CA ASP B 154 9.59 -5.02 9.49
C ASP B 154 11.07 -4.63 9.43
N PHE B 155 11.60 -4.47 8.23
CA PHE B 155 13.01 -4.13 8.08
C PHE B 155 13.25 -2.66 8.43
N GLN B 156 14.33 -2.41 9.15
CA GLN B 156 14.61 -1.08 9.68
C GLN B 156 15.65 -0.33 8.86
N SER B 157 16.14 -0.93 7.78
CA SER B 157 17.09 -0.28 6.89
C SER B 157 16.98 -0.94 5.53
N ILE B 158 17.40 -0.20 4.49
CA ILE B 158 17.46 -0.81 3.17
C ILE B 158 18.48 -1.93 3.13
N GLU B 159 19.58 -1.81 3.90
CA GLU B 159 20.59 -2.86 3.92
C GLU B 159 20.05 -4.16 4.50
N ASP B 160 19.30 -4.09 5.60
CA ASP B 160 18.67 -5.29 6.16
C ASP B 160 17.66 -5.87 5.19
N TYR B 161 16.81 -5.01 4.63
CA TYR B 161 15.84 -5.42 3.62
C TYR B 161 16.49 -6.18 2.47
N LEU B 162 17.61 -5.66 1.94
CA LEU B 162 18.25 -6.29 0.78
C LEU B 162 18.71 -7.72 1.05
N GLU B 163 19.13 -8.04 2.28
CA GLU B 163 19.54 -9.42 2.57
C GLU B 163 18.38 -10.39 2.35
N PHE B 164 17.16 -9.97 2.67
CA PHE B 164 15.96 -10.75 2.36
C PHE B 164 15.59 -10.60 0.89
N ARG B 165 15.59 -9.36 0.40
CA ARG B 165 14.99 -9.06 -0.91
C ARG B 165 15.78 -9.68 -2.06
N MET B 166 17.12 -9.74 -1.96
CA MET B 166 17.88 -10.39 -3.03
C MET B 166 17.45 -11.83 -3.24
N ILE B 167 17.07 -12.52 -2.17
CA ILE B 167 16.61 -13.90 -2.28
C ILE B 167 15.14 -13.92 -2.67
N ASP B 168 14.34 -13.08 -2.01
CA ASP B 168 12.90 -13.02 -2.30
C ASP B 168 12.61 -12.76 -3.78
N THR B 169 13.34 -11.82 -4.40
CA THR B 169 13.09 -11.53 -5.80
C THR B 169 13.57 -12.64 -6.72
N GLY B 170 14.30 -13.62 -6.20
CA GLY B 170 14.71 -14.71 -7.06
C GLY B 170 15.97 -14.45 -7.83
N ALA B 171 16.84 -13.55 -7.36
CA ALA B 171 18.06 -13.28 -8.14
C ALA B 171 18.97 -14.50 -8.24
N PRO B 172 19.25 -15.23 -7.16
CA PRO B 172 20.02 -16.50 -7.33
C PRO B 172 19.34 -17.52 -8.23
N PHE B 173 18.01 -17.59 -8.18
CA PHE B 173 17.26 -18.49 -9.04
C PHE B 173 17.43 -18.15 -10.52
N VAL B 174 17.32 -16.86 -10.86
CA VAL B 174 17.52 -16.47 -12.25
C VAL B 174 18.97 -16.69 -12.69
N GLU B 175 19.92 -16.47 -11.77
CA GLU B 175 21.32 -16.74 -12.13
C GLU B 175 21.50 -18.22 -12.48
N ALA B 176 20.85 -19.11 -11.73
CA ALA B 176 20.94 -20.54 -12.03
C ALA B 176 20.31 -20.88 -13.37
N LEU B 177 19.18 -20.24 -13.69
CA LEU B 177 18.56 -20.42 -15.01
C LEU B 177 19.45 -19.85 -16.11
N MET B 178 20.13 -18.73 -15.84
CA MET B 178 21.05 -18.15 -16.81
C MET B 178 22.19 -19.13 -17.14
N LEU B 179 22.76 -19.73 -16.10
CA LEU B 179 23.82 -20.72 -16.30
C LEU B 179 23.30 -21.92 -17.09
N PHE B 180 22.09 -22.39 -16.77
CA PHE B 180 21.48 -23.45 -17.58
C PHE B 180 21.40 -23.02 -19.04
N GLY B 181 20.91 -21.80 -19.29
CA GLY B 181 20.80 -21.35 -20.66
C GLY B 181 22.14 -21.25 -21.38
N LEU B 182 23.21 -20.93 -20.65
CA LEU B 182 24.55 -20.85 -21.25
C LEU B 182 25.22 -22.21 -21.36
N GLY B 183 24.68 -23.23 -20.70
CA GLY B 183 25.40 -24.50 -20.60
C GLY B 183 26.68 -24.39 -19.81
N MET B 184 26.68 -23.57 -18.77
CA MET B 184 27.91 -23.17 -18.09
C MET B 184 27.91 -23.72 -16.67
N SER B 185 29.09 -24.21 -16.25
CA SER B 185 29.36 -24.68 -14.89
C SER B 185 30.45 -23.82 -14.30
N LEU B 186 30.32 -23.52 -13.01
CA LEU B 186 31.36 -22.79 -12.27
C LEU B 186 32.05 -23.72 -11.29
N SER B 187 33.37 -23.55 -11.16
CA SER B 187 34.15 -24.29 -10.17
C SER B 187 33.83 -23.75 -8.77
N PRO B 188 34.22 -24.45 -7.71
CA PRO B 188 33.95 -23.91 -6.36
C PRO B 188 34.66 -22.59 -6.10
N GLN B 189 35.89 -22.43 -6.62
CA GLN B 189 36.58 -21.18 -6.45
C GLN B 189 35.86 -20.06 -7.19
N GLU B 190 35.39 -20.34 -8.41
CA GLU B 190 34.61 -19.36 -9.15
C GLU B 190 33.34 -18.99 -8.40
N ASP B 191 32.62 -20.00 -7.91
CA ASP B 191 31.39 -19.76 -7.15
C ASP B 191 31.65 -18.78 -6.01
N ASP B 192 32.73 -19.02 -5.24
CA ASP B 192 33.02 -18.21 -4.08
C ASP B 192 33.40 -16.79 -4.47
N ALA B 193 34.29 -16.65 -5.44
CA ALA B 193 34.76 -15.32 -5.83
C ALA B 193 33.67 -14.53 -6.54
N LEU B 194 32.91 -15.17 -7.43
CA LEU B 194 31.87 -14.44 -8.16
C LEU B 194 30.71 -14.03 -7.26
N GLY B 195 30.46 -14.74 -6.16
CA GLY B 195 29.39 -14.36 -5.26
C GLY B 195 29.56 -12.95 -4.71
N HIS B 196 30.80 -12.54 -4.45
CA HIS B 196 31.05 -11.18 -3.99
C HIS B 196 30.81 -10.18 -5.12
N VAL B 197 31.25 -10.51 -6.33
CA VAL B 197 31.08 -9.62 -7.47
C VAL B 197 29.61 -9.33 -7.73
N ILE B 198 28.76 -10.36 -7.65
CA ILE B 198 27.40 -10.19 -8.12
C ILE B 198 26.44 -9.65 -7.06
N ARG B 199 26.86 -9.52 -5.80
CA ARG B 199 25.99 -8.95 -4.78
C ARG B 199 25.40 -7.62 -5.18
N PRO B 200 26.18 -6.64 -5.67
CA PRO B 200 25.55 -5.38 -6.09
C PRO B 200 24.66 -5.53 -7.31
N CYS B 201 24.93 -6.52 -8.18
CA CYS B 201 24.03 -6.83 -9.29
C CYS B 201 22.65 -7.25 -8.75
N PHE B 202 22.63 -8.21 -7.83
CA PHE B 202 21.37 -8.65 -7.21
C PHE B 202 20.64 -7.48 -6.55
N ALA B 203 21.37 -6.63 -5.83
CA ALA B 203 20.76 -5.46 -5.20
C ALA B 203 20.13 -4.53 -6.23
N ALA B 204 20.88 -4.20 -7.30
CA ALA B 204 20.35 -3.34 -8.36
C ALA B 204 19.12 -3.95 -9.04
N LEU B 205 19.13 -5.28 -9.29
CA LEU B 205 17.95 -5.92 -9.87
C LEU B 205 16.72 -5.76 -8.97
N ALA B 206 16.91 -6.01 -7.67
CA ALA B 206 15.79 -5.99 -6.74
C ALA B 206 15.22 -4.58 -6.60
N LEU B 207 16.13 -3.59 -6.48
CA LEU B 207 15.68 -2.21 -6.27
C LEU B 207 15.09 -1.64 -7.56
N THR B 208 15.67 -2.00 -8.71
CA THR B 208 15.06 -1.60 -9.99
C THR B 208 13.66 -2.17 -10.11
N ASN B 209 13.49 -3.45 -9.79
CA ASN B 209 12.13 -3.97 -9.78
C ASN B 209 11.22 -3.18 -8.83
N ASP B 210 11.69 -2.90 -7.62
CA ASP B 210 10.87 -2.11 -6.68
C ASP B 210 10.42 -0.81 -7.33
N TYR B 211 11.36 -0.12 -7.97
CA TYR B 211 11.09 1.20 -8.55
C TYR B 211 9.98 1.16 -9.58
N PHE B 212 10.00 0.16 -10.47
CA PHE B 212 9.03 0.11 -11.56
C PHE B 212 7.74 -0.63 -11.22
N SER B 213 7.76 -1.49 -10.20
CA SER B 213 6.56 -2.22 -9.82
C SER B 213 5.85 -1.65 -8.61
N PHE B 214 6.38 -0.57 -8.01
CA PHE B 214 5.78 0.03 -6.81
C PHE B 214 4.32 0.43 -7.03
N ASP B 215 4.02 1.09 -8.14
CA ASP B 215 2.67 1.60 -8.34
C ASP B 215 1.67 0.45 -8.32
N ARG B 216 1.99 -0.63 -9.04
CA ARG B 216 1.11 -1.78 -9.10
C ARG B 216 1.03 -2.47 -7.74
N GLU B 217 2.14 -2.54 -7.00
CA GLU B 217 2.15 -3.27 -5.73
C GLU B 217 1.40 -2.52 -4.62
N ILE B 218 1.53 -1.19 -4.56
CA ILE B 218 0.83 -0.46 -3.51
C ILE B 218 -0.66 -0.45 -3.76
N GLU B 219 -1.09 -0.59 -5.02
CA GLU B 219 -2.52 -0.72 -5.31
C GLU B 219 -3.10 -2.05 -4.86
N GLU B 220 -2.27 -3.03 -4.52
CA GLU B 220 -2.68 -4.37 -4.16
C GLU B 220 -2.47 -4.69 -2.68
N VAL B 221 -2.25 -3.68 -1.84
CA VAL B 221 -1.92 -3.93 -0.44
C VAL B 221 -3.00 -4.72 0.29
N ASP B 222 -4.27 -4.55 -0.09
CA ASP B 222 -5.34 -5.30 0.57
C ASP B 222 -5.22 -6.80 0.30
N THR B 223 -4.61 -7.21 -0.83
CA THR B 223 -4.54 -8.61 -1.17
C THR B 223 -3.12 -9.15 -1.22
N SER B 224 -2.10 -8.29 -1.11
CA SER B 224 -0.73 -8.75 -1.33
C SER B 224 0.22 -8.00 -0.42
N THR B 225 1.11 -8.75 0.26
CA THR B 225 2.09 -8.16 1.14
C THR B 225 2.96 -7.20 0.34
N LEU B 226 3.08 -5.97 0.81
CA LEU B 226 3.88 -4.97 0.10
C LEU B 226 5.35 -5.15 0.46
N ILE B 227 6.16 -5.57 -0.51
CA ILE B 227 7.58 -5.79 -0.30
C ILE B 227 8.27 -4.86 -1.28
N ASN B 228 8.68 -3.68 -0.82
CA ASN B 228 9.12 -2.65 -1.75
C ASN B 228 9.90 -1.58 -1.00
N SER B 229 11.16 -1.39 -1.40
CA SER B 229 12.01 -0.37 -0.79
C SER B 229 11.44 1.04 -0.90
N VAL B 230 10.65 1.35 -1.95
CA VAL B 230 10.06 2.70 -2.02
C VAL B 230 9.19 2.95 -0.79
N ALA B 231 8.36 1.97 -0.43
CA ALA B 231 7.49 2.13 0.72
C ALA B 231 8.28 2.16 2.02
N ILE B 232 9.36 1.37 2.08
CA ILE B 232 10.22 1.37 3.28
C ILE B 232 10.82 2.74 3.50
N VAL B 233 11.39 3.33 2.45
CA VAL B 233 11.96 4.68 2.56
C VAL B 233 10.89 5.69 2.97
N MET B 234 9.68 5.57 2.39
CA MET B 234 8.63 6.52 2.75
C MET B 234 8.34 6.47 4.24
N ARG B 235 8.39 5.28 4.80
CA ARG B 235 8.04 5.16 6.23
C ARG B 235 9.23 5.49 7.12
N ILE B 236 10.43 5.01 6.79
CA ILE B 236 11.57 5.26 7.67
C ILE B 236 11.98 6.73 7.64
N GLN B 237 11.95 7.36 6.48
CA GLN B 237 12.42 8.72 6.34
C GLN B 237 11.30 9.74 6.23
N SER B 238 10.04 9.31 6.38
CA SER B 238 8.88 10.21 6.34
C SER B 238 8.81 11.02 5.05
N LEU B 239 8.90 10.33 3.92
CA LEU B 239 8.95 10.95 2.61
C LEU B 239 7.77 10.52 1.76
N ASP B 240 7.43 11.38 0.79
CA ASP B 240 6.34 11.08 -0.12
CA ASP B 240 6.35 11.11 -0.15
C ASP B 240 6.83 10.17 -1.25
N ILE B 241 5.92 9.83 -2.16
CA ILE B 241 6.20 8.89 -3.24
C ILE B 241 7.30 9.39 -4.16
N PRO B 242 7.17 10.55 -4.84
CA PRO B 242 8.28 10.97 -5.73
C PRO B 242 9.62 11.07 -5.03
N THR B 243 9.64 11.54 -3.78
CA THR B 243 10.92 11.77 -3.10
C THR B 243 11.57 10.45 -2.73
N ALA B 244 10.75 9.51 -2.21
CA ALA B 244 11.25 8.15 -1.95
C ALA B 244 11.73 7.48 -3.23
N LYS B 245 10.99 7.63 -4.33
CA LYS B 245 11.44 7.05 -5.61
C LYS B 245 12.79 7.59 -6.04
N THR B 246 13.01 8.90 -5.85
CA THR B 246 14.31 9.49 -6.18
C THR B 246 15.43 8.86 -5.37
N ILE B 247 15.20 8.67 -4.07
CA ILE B 247 16.20 8.01 -3.23
C ILE B 247 16.51 6.61 -3.77
N ILE B 248 15.47 5.84 -4.09
CA ILE B 248 15.69 4.50 -4.63
C ILE B 248 16.43 4.57 -5.98
N ASN B 249 16.04 5.50 -6.85
CA ASN B 249 16.72 5.70 -8.11
C ASN B 249 18.21 5.93 -7.88
N GLU B 250 18.55 6.85 -6.98
CA GLU B 250 19.96 7.13 -6.70
C GLU B 250 20.67 5.90 -6.14
N THR B 251 19.97 5.09 -5.34
CA THR B 251 20.60 3.92 -4.73
C THR B 251 20.85 2.86 -5.79
N ILE B 252 19.90 2.69 -6.72
CA ILE B 252 20.12 1.79 -7.85
C ILE B 252 21.38 2.18 -8.61
N GLN B 253 21.52 3.47 -8.94
CA GLN B 253 22.69 3.93 -9.70
C GLN B 253 23.98 3.60 -8.96
N LYS B 254 23.97 3.71 -7.63
CA LYS B 254 25.16 3.34 -6.85
C LYS B 254 25.48 1.86 -6.99
N TYR B 255 24.48 0.99 -6.86
CA TYR B 255 24.75 -0.44 -7.02
C TYR B 255 25.14 -0.80 -8.45
N GLU B 256 24.51 -0.16 -9.44
CA GLU B 256 24.90 -0.40 -10.84
C GLU B 256 26.38 -0.08 -11.07
N ARG B 257 26.82 1.09 -10.59
CA ARG B 257 28.22 1.46 -10.73
C ARG B 257 29.13 0.51 -9.96
N GLU B 258 28.70 0.10 -8.76
CA GLU B 258 29.52 -0.79 -7.93
C GLU B 258 29.69 -2.16 -8.57
N PHE B 259 28.65 -2.66 -9.24
CA PHE B 259 28.77 -3.94 -9.93
C PHE B 259 29.79 -3.87 -11.06
N LEU B 260 29.71 -2.82 -11.91
CA LEU B 260 30.73 -2.68 -12.95
C LEU B 260 32.12 -2.57 -12.35
N ARG B 261 32.24 -1.87 -11.20
CA ARG B 261 33.54 -1.73 -10.54
C ARG B 261 34.06 -3.08 -10.08
N ARG B 262 33.18 -3.91 -9.50
CA ARG B 262 33.65 -5.22 -9.04
C ARG B 262 34.05 -6.12 -10.20
N ILE B 263 33.34 -6.02 -11.33
CA ILE B 263 33.72 -6.81 -12.49
C ILE B 263 35.12 -6.42 -12.95
N ASP B 264 35.37 -5.12 -13.05
CA ASP B 264 36.68 -4.66 -13.49
C ASP B 264 37.77 -5.05 -12.50
N GLU B 265 37.45 -4.96 -11.20
CA GLU B 265 38.42 -5.34 -10.16
C GLU B 265 38.76 -6.84 -10.25
N TYR B 266 37.76 -7.68 -10.48
CA TYR B 266 38.00 -9.11 -10.68
C TYR B 266 38.92 -9.35 -11.88
N LYS B 267 38.61 -8.72 -13.02
CA LYS B 267 39.43 -8.87 -14.22
C LYS B 267 40.87 -8.43 -13.96
N GLN B 268 41.04 -7.30 -13.33
CA GLN B 268 42.42 -6.81 -13.15
C GLN B 268 43.22 -7.67 -12.20
N HIS B 269 42.61 -8.12 -11.14
CA HIS B 269 43.38 -8.75 -10.09
C HIS B 269 43.36 -10.29 -10.13
N LYS B 270 42.43 -10.89 -10.89
CA LYS B 270 42.37 -12.34 -11.03
C LYS B 270 42.58 -12.79 -12.47
N GLY B 271 42.75 -11.86 -13.39
CA GLY B 271 42.86 -12.15 -14.80
C GLY B 271 44.30 -12.37 -15.23
N PRO B 272 44.52 -12.55 -16.55
CA PRO B 272 43.48 -12.46 -17.60
C PRO B 272 42.47 -13.60 -17.51
N ILE B 273 41.17 -13.26 -17.50
CA ILE B 273 40.16 -14.24 -17.16
C ILE B 273 39.85 -15.11 -18.38
N SER B 274 39.23 -16.26 -18.10
CA SER B 274 38.88 -17.18 -19.16
C SER B 274 37.72 -16.64 -19.99
N ASN B 275 37.58 -17.20 -21.19
CA ASN B 275 36.42 -16.81 -22.00
C ASN B 275 35.12 -17.19 -21.30
N LYS B 276 35.10 -18.29 -20.56
CA LYS B 276 33.90 -18.70 -19.83
C LYS B 276 33.49 -17.64 -18.81
N ILE B 277 34.45 -17.20 -17.99
CA ILE B 277 34.12 -16.17 -17.00
C ILE B 277 33.80 -14.82 -17.66
N GLU B 278 34.50 -14.48 -18.76
CA GLU B 278 34.10 -13.27 -19.49
C GLU B 278 32.64 -13.34 -19.91
N GLN B 279 32.21 -14.50 -20.40
CA GLN B 279 30.83 -14.64 -20.83
C GLN B 279 29.87 -14.51 -19.65
N TYR B 280 30.25 -15.12 -18.53
CA TYR B 280 29.46 -15.02 -17.29
C TYR B 280 29.25 -13.56 -16.90
N MET B 281 30.33 -12.77 -16.90
CA MET B 281 30.24 -11.36 -16.50
CA MET B 281 30.18 -11.38 -16.48
C MET B 281 29.34 -10.58 -17.44
N GLU B 282 29.52 -10.78 -18.74
CA GLU B 282 28.70 -10.12 -19.74
C GLU B 282 27.24 -10.49 -19.53
N ALA B 283 26.97 -11.79 -19.38
CA ALA B 283 25.60 -12.27 -19.18
C ALA B 283 24.97 -11.65 -17.93
N MET B 284 25.73 -11.50 -16.83
CA MET B 284 25.15 -10.86 -15.66
C MET B 284 24.82 -9.39 -15.93
N THR B 285 25.69 -8.68 -16.66
CA THR B 285 25.35 -7.30 -17.00
C THR B 285 24.09 -7.21 -17.85
N TYR B 286 23.85 -8.19 -18.72
CA TYR B 286 22.63 -8.17 -19.54
C TYR B 286 21.38 -8.38 -18.72
N GLN B 287 21.47 -9.09 -17.58
CA GLN B 287 20.31 -9.15 -16.68
C GLN B 287 19.90 -7.75 -16.25
N ILE B 288 20.87 -6.89 -15.92
CA ILE B 288 20.58 -5.52 -15.48
C ILE B 288 19.88 -4.75 -16.58
N SER B 289 20.49 -4.69 -17.78
CA SER B 289 19.89 -3.88 -18.84
C SER B 289 18.56 -4.46 -19.31
N GLY B 290 18.44 -5.78 -19.40
CA GLY B 290 17.18 -6.35 -19.84
C GLY B 290 16.07 -6.19 -18.80
N ASN B 291 16.41 -6.36 -17.54
CA ASN B 291 15.41 -6.16 -16.49
C ASN B 291 14.90 -4.72 -16.48
N LEU B 292 15.83 -3.78 -16.63
CA LEU B 292 15.48 -2.36 -16.66
C LEU B 292 14.58 -2.03 -17.86
N VAL B 293 15.01 -2.43 -19.06
CA VAL B 293 14.25 -2.04 -20.26
C VAL B 293 12.90 -2.74 -20.31
N TRP B 294 12.84 -4.02 -19.91
CA TRP B 294 11.57 -4.74 -19.88
C TRP B 294 10.60 -4.08 -18.91
N SER B 295 11.11 -3.58 -17.78
CA SER B 295 10.25 -3.03 -16.73
C SER B 295 9.62 -1.69 -17.12
N LEU B 296 10.16 -0.99 -18.12
CA LEU B 296 9.66 0.33 -18.47
C LEU B 296 8.21 0.29 -18.89
N ASN B 297 7.82 -0.76 -19.64
CA ASN B 297 6.49 -0.79 -20.22
C ASN B 297 5.89 -2.19 -20.25
N CYS B 298 6.42 -3.14 -19.48
CA CYS B 298 5.77 -4.43 -19.42
C CYS B 298 4.34 -4.28 -18.91
N PRO B 299 3.40 -5.05 -19.45
CA PRO B 299 2.02 -4.99 -18.91
C PRO B 299 1.89 -5.39 -17.45
N ARG B 300 2.80 -6.23 -16.92
CA ARG B 300 2.70 -6.61 -15.52
C ARG B 300 2.72 -5.38 -14.61
N TYR B 301 3.52 -4.36 -14.95
CA TYR B 301 3.63 -3.18 -14.10
C TYR B 301 2.89 -1.98 -14.66
N ASN B 302 2.57 -1.99 -15.95
CA ASN B 302 2.05 -0.84 -16.67
C ASN B 302 0.79 -1.29 -17.42
N PRO B 303 -0.27 -1.65 -16.72
CA PRO B 303 -1.43 -2.11 -17.50
C PRO B 303 -2.34 -0.96 -17.92
MG MG C . -15.41 16.15 2.75
MG MG D . -17.97 16.73 4.48
MG MG E . -12.21 18.18 5.59
S SO4 F . -19.99 22.94 26.30
O1 SO4 F . -19.43 21.75 25.63
O2 SO4 F . -19.06 23.59 27.22
O3 SO4 F . -20.42 23.93 25.31
O4 SO4 F . -21.12 22.50 27.09
NA NA G . -15.76 20.86 0.22
P1 POP H . -14.97 16.48 5.90
O1 POP H . -14.15 17.73 5.84
O2 POP H . -15.88 16.33 4.71
O3 POP H . -15.63 16.22 7.23
O POP H . -13.96 15.22 5.70
P2 POP H . -12.84 15.20 4.52
O4 POP H . -12.19 13.84 4.60
O5 POP H . -13.60 15.36 3.24
O6 POP H . -11.89 16.31 4.76
N BTM I . -14.53 11.79 8.64
C1 BTM I . -14.42 12.81 9.87
C2 BTM I . -15.37 10.55 9.01
C3 BTM I . -15.52 9.53 7.88
C4 BTM I . -15.25 12.65 7.48
C5 BTM I . -15.04 12.20 6.07
C6 BTM I . -13.09 11.26 8.21
C7 BTM I . -12.12 12.40 7.97
C8 BTM I . -14.05 12.18 11.17
C9 BTM I . -15.02 11.82 12.10
C10 BTM I . -14.60 11.25 13.31
C11 BTM I . -13.28 11.05 13.62
C12 BTM I . -12.32 11.49 12.72
C13 BTM I . -12.71 12.05 11.52
C1 EDO J . -21.63 10.55 4.38
O1 EDO J . -22.43 9.41 4.23
C2 EDO J . -21.29 10.76 5.89
O2 EDO J . -22.35 11.45 6.45
C1 EDO K . -27.82 7.65 0.44
O1 EDO K . -29.06 7.39 -0.10
C2 EDO K . -28.04 7.94 1.92
O2 EDO K . -28.76 9.13 1.96
C1 EDO L . -17.20 -5.84 4.71
O1 EDO L . -16.92 -6.29 3.41
C2 EDO L . -18.53 -6.47 5.19
O2 EDO L . -19.48 -6.23 4.20
C1 EDO M . -18.07 21.76 20.41
O1 EDO M . -17.50 21.03 21.51
C2 EDO M . -19.13 20.90 19.49
O2 EDO M . -18.45 19.78 18.83
C1 EDO N . -1.62 22.06 7.63
O1 EDO N . -1.33 22.35 6.31
C2 EDO N . -0.39 21.29 8.17
O2 EDO N . 0.11 20.55 7.12
C1 EDO O . -22.67 10.52 24.00
O1 EDO O . -23.47 11.30 23.14
C2 EDO O . -23.20 9.07 24.00
O2 EDO O . -23.01 8.54 22.73
C1 EDO P . -33.51 3.50 -4.29
O1 EDO P . -34.15 2.52 -5.02
C2 EDO P . -34.17 4.86 -4.61
O2 EDO P . -33.36 5.85 -4.05
C1 EDO Q . -7.08 4.47 -5.84
O1 EDO Q . -6.16 3.63 -6.45
C2 EDO Q . -8.21 4.63 -6.88
O2 EDO Q . -9.07 3.57 -6.65
C1 EDO R . -11.34 -12.15 13.08
O1 EDO R . -12.20 -12.09 11.97
C2 EDO R . -12.04 -13.04 14.14
O2 EDO R . -11.45 -12.79 15.38
C1 EDO S . -4.61 8.14 25.46
O1 EDO S . -4.71 8.44 24.10
C2 EDO S . -3.95 9.38 26.11
O2 EDO S . -4.96 10.04 26.81
C1 EDO T . -8.81 8.03 29.20
O1 EDO T . -9.06 7.10 30.21
C2 EDO T . -7.42 8.68 29.49
O2 EDO T . -7.62 9.71 30.41
MG MG U . 5.66 -9.99 -6.95
MG MG V . 7.66 -11.38 -4.87
MG MG W . 8.15 -5.88 -7.41
NA NA X . 3.12 -7.47 -2.89
CL CL Y . 5.94 -32.80 -18.36
CL CL Z . 28.79 -6.52 -0.27
CL CL AA . 8.18 4.99 -11.68
P1 POP BA . 7.27 -8.47 -9.37
O1 POP BA . 7.37 -8.82 -10.83
O2 POP BA . 7.36 -6.97 -9.14
O3 POP BA . 6.03 -9.07 -8.75
O POP BA . 8.52 -9.22 -8.67
P2 POP BA . 8.77 -9.17 -7.08
O4 POP BA . 10.16 -9.72 -6.83
O5 POP BA . 7.69 -10.02 -6.50
O6 POP BA . 8.57 -7.74 -6.64
N BTM CA . 11.64 -11.45 -11.04
C1 BTM CA . 12.83 -10.68 -10.34
C2 BTM CA . 11.99 -12.91 -11.55
C3 BTM CA . 12.32 -13.89 -10.46
C4 BTM CA . 10.50 -11.52 -9.97
C5 BTM CA . 9.27 -12.18 -10.50
C6 BTM CA . 11.13 -10.71 -12.29
C7 BTM CA . 10.82 -9.22 -12.02
C8 BTM CA . 14.12 -10.68 -11.13
C9 BTM CA . 15.13 -11.63 -10.87
C10 BTM CA . 16.30 -11.59 -11.62
C11 BTM CA . 16.49 -10.67 -12.63
C12 BTM CA . 15.49 -9.72 -12.88
C13 BTM CA . 14.34 -9.75 -12.13
C1 EDO DA . 27.99 -18.57 -8.42
O1 EDO DA . 26.70 -18.92 -8.81
C2 EDO DA . 27.93 -17.14 -7.88
O2 EDO DA . 28.23 -17.23 -6.52
C1 EDO EA . 8.79 -25.81 -22.27
O1 EDO EA . 8.65 -27.20 -22.18
C2 EDO EA . 7.48 -25.28 -22.91
O2 EDO EA . 7.32 -25.97 -24.10
C1 EDO FA . 4.15 -35.94 -4.91
O1 EDO FA . 4.90 -36.04 -3.78
C2 EDO FA . 3.97 -34.43 -5.08
O2 EDO FA . 3.05 -34.25 -6.09
C1 EDO GA . 18.26 7.82 -20.67
O1 EDO GA . 17.23 7.01 -21.11
C2 EDO GA . 18.03 7.94 -19.14
O2 EDO GA . 19.25 7.62 -18.54
C1 EDO HA . 9.86 -4.87 4.00
O1 EDO HA . 9.23 -4.88 2.77
C2 EDO HA . 9.09 -3.94 4.97
O2 EDO HA . 9.84 -3.87 6.14
C1 EDO IA . 26.05 -18.32 -25.83
O1 EDO IA . 25.33 -17.40 -26.57
C2 EDO IA . 25.38 -19.69 -26.09
O2 EDO IA . 24.73 -20.03 -24.91
C1 EDO JA . 11.55 -17.36 -7.44
O1 EDO JA . 11.38 -16.01 -7.15
C2 EDO JA . 10.59 -18.08 -6.49
O2 EDO JA . 10.99 -17.77 -5.21
C1 EDO KA . 21.85 -34.90 -18.63
O1 EDO KA . 22.30 -34.37 -17.43
C2 EDO KA . 20.30 -34.84 -18.57
O2 EDO KA . 19.88 -35.70 -17.54
C1 EDO LA . 12.34 14.55 -4.93
O1 EDO LA . 11.97 13.90 -6.10
C2 EDO LA . 13.88 14.67 -4.96
O2 EDO LA . 14.30 14.72 -3.63
C1 EDO MA . 23.49 -12.23 -1.99
O1 EDO MA . 24.59 -12.96 -1.54
C2 EDO MA . 22.44 -13.25 -2.48
O2 EDO MA . 21.70 -13.63 -1.38
C1 EDO NA . 22.79 -38.51 -16.50
O1 EDO NA . 22.18 -38.75 -17.74
C2 EDO NA . 22.30 -37.13 -16.03
O2 EDO NA . 20.89 -37.15 -16.09
C1 EDO OA . 7.56 -27.63 -4.00
O1 EDO OA . 6.48 -28.13 -4.75
C2 EDO OA . 8.21 -26.53 -4.86
O2 EDO OA . 8.53 -25.51 -3.97
C1 EDO PA . 46.41 -9.48 -15.46
O1 EDO PA . 47.50 -8.96 -16.15
C2 EDO PA . 46.86 -9.56 -13.99
O2 EDO PA . 46.19 -10.64 -13.43
#